data_3G9K
#
_entry.id   3G9K
#
_cell.length_a   52.668
_cell.length_b   120.621
_cell.length_c   77.375
_cell.angle_alpha   90.00
_cell.angle_beta   90.87
_cell.angle_gamma   90.00
#
_symmetry.space_group_name_H-M   'P 1 21 1'
#
loop_
_entity.id
_entity.type
_entity.pdbx_description
1 polymer 'Capsule biosynthesis protein capD'
2 polymer 'Capsule biosynthesis protein capD'
3 non-polymer 'GLUTAMIC ACID'
4 water water
#
loop_
_entity_poly.entity_id
_entity_poly.type
_entity_poly.pdbx_seq_one_letter_code
_entity_poly.pdbx_strand_id
1 'polypeptide(L)'
;FNKIKDSVKQKIDS(MSE)GDKGTYGVSASHPLAVEEG(MSE)KVLKNGGSAVDAAIVVSYVLGVVELHASGIGGGGG
(MSE)LIISKDKETFIDYRETTPYFTGNQKPHIGVPGFVAG(MSE)EYIHDNYGSLP(MSE)GELLQPAINYAEKGFKVD
DSLT(MSE)RLDLAKPRIYSDKLSIFYPNGEPIETGETLIQTDLARTLKKIQKEGAKGFYEGGVARAISKTAKISLEDIK
GYKVEVRKPVKGNY(MSE)GYDVYTAPPPFSGVTLLQ(MSE)LKLAEKKEVYKDVDHTATY(MSE)SK(MSE)EEISRIA
YQDRKKNLGDPNYVN(MSE)DPNK(MSE)VSDKYIST(MSE)KNENGDALSEAEHES
;
L,D
2 'polypeptide(L)'
;TTHFVIIDRDGTVVSSTNTLSNFFGTGKYTAGFFLNNQLQNFGSEGFNSYEPGKRSRTF(MSE)APTVLKKDGETIGIGS
PGGNRIPQILTPILDKYTHGKGSLQDIINEYRFTFEKNTAYTEIQLSSEVKNELSRKGLNVKKKVSPAFFGGVQALIKDE
RDNVITGAGDGRRNGTWKSNK
;
S,F
#
# COMPACT_ATOMS: atom_id res chain seq x y z
N LYS A 18 -11.64 25.23 17.98
CA LYS A 18 -12.39 24.05 18.51
C LYS A 18 -13.78 24.02 17.88
N GLY A 19 -14.17 22.90 17.24
CA GLY A 19 -13.32 21.70 17.08
C GLY A 19 -13.45 20.73 18.24
N THR A 20 -13.40 19.44 17.93
CA THR A 20 -13.59 18.42 18.94
C THR A 20 -12.38 17.47 18.97
N TYR A 21 -12.04 17.03 20.19
CA TYR A 21 -10.91 16.15 20.43
C TYR A 21 -11.02 15.42 21.78
N GLY A 22 -10.22 14.35 21.92
CA GLY A 22 -10.37 13.43 23.01
C GLY A 22 -9.13 12.56 23.17
N VAL A 23 -8.90 12.11 24.39
CA VAL A 23 -7.86 11.15 24.75
C VAL A 23 -8.42 10.10 25.70
N SER A 24 -8.05 8.84 25.49
CA SER A 24 -8.41 7.75 26.42
C SER A 24 -7.12 6.99 26.69
N ALA A 25 -6.72 6.94 27.95
CA ALA A 25 -5.43 6.30 28.37
C ALA A 25 -5.48 5.73 29.81
N SER A 26 -4.54 4.83 30.13
CA SER A 26 -4.56 4.11 31.41
C SER A 26 -3.84 4.88 32.55
N HIS A 27 -3.48 6.13 32.30
CA HIS A 27 -2.99 6.97 33.40
C HIS A 27 -3.54 8.39 33.24
N PRO A 28 -4.13 8.97 34.30
CA PRO A 28 -4.68 10.34 34.23
C PRO A 28 -3.70 11.44 33.82
N LEU A 29 -2.40 11.28 34.07
CA LEU A 29 -1.42 12.28 33.64
C LEU A 29 -1.18 12.23 32.12
N ALA A 30 -1.28 11.03 31.55
CA ALA A 30 -1.21 10.85 30.09
C ALA A 30 -2.42 11.47 29.45
N VAL A 31 -3.59 11.23 30.04
CA VAL A 31 -4.82 11.89 29.55
C VAL A 31 -4.62 13.40 29.59
N GLU A 32 -4.20 13.92 30.73
CA GLU A 32 -3.98 15.37 30.88
C GLU A 32 -3.00 16.00 29.88
N GLU A 33 -1.82 15.42 29.74
CA GLU A 33 -0.84 15.93 28.81
C GLU A 33 -1.26 15.83 27.36
N GLY A 34 -1.95 14.76 27.01
CA GLY A 34 -2.50 14.60 25.68
C GLY A 34 -3.56 15.64 25.30
N MSE A 35 -4.46 15.88 26.26
CA MSE A 35 -5.48 16.94 26.14
C MSE A 35 -4.85 18.33 26.00
O MSE A 35 -5.33 19.14 25.22
CB MSE A 35 -6.43 16.92 27.34
CG MSE A 35 -7.45 15.77 27.36
SE MSE A 35 -8.61 15.71 25.82
CE MSE A 35 -9.92 17.08 26.33
N LYS A 36 -3.81 18.62 26.81
CA LYS A 36 -3.04 19.88 26.72
C LYS A 36 -2.49 20.16 25.30
N VAL A 37 -1.88 19.16 24.65
CA VAL A 37 -1.43 19.29 23.27
C VAL A 37 -2.58 19.63 22.33
N LEU A 38 -3.69 18.96 22.52
CA LEU A 38 -4.80 19.09 21.61
C LEU A 38 -5.48 20.44 21.84
N LYS A 39 -5.68 20.83 23.09
CA LYS A 39 -6.26 22.12 23.44
C LYS A 39 -5.51 23.28 22.75
N ASN A 40 -4.18 23.15 22.68
CA ASN A 40 -3.34 24.16 22.09
C ASN A 40 -3.18 24.02 20.60
N GLY A 41 -4.02 23.19 20.01
CA GLY A 41 -4.07 23.13 18.56
C GLY A 41 -3.31 21.99 17.91
N GLY A 42 -2.67 21.14 18.71
CA GLY A 42 -1.90 20.03 18.18
C GLY A 42 -2.72 18.92 17.55
N SER A 43 -2.03 18.05 16.81
CA SER A 43 -2.64 16.98 16.04
C SER A 43 -2.75 15.69 16.87
N ALA A 44 -3.46 14.68 16.37
CA ALA A 44 -3.54 13.39 17.10
C ALA A 44 -2.15 12.77 17.23
N VAL A 45 -1.34 12.86 16.16
CA VAL A 45 0.03 12.27 16.15
C VAL A 45 0.92 12.96 17.17
N ASP A 46 0.98 14.27 17.14
CA ASP A 46 1.75 14.99 18.18
C ASP A 46 1.36 14.65 19.62
N ALA A 47 0.06 14.65 19.90
CA ALA A 47 -0.44 14.22 21.20
C ALA A 47 -0.05 12.76 21.52
N ALA A 48 -0.08 11.88 20.52
CA ALA A 48 0.26 10.46 20.74
C ALA A 48 1.75 10.28 21.15
N ILE A 49 2.62 11.12 20.60
CA ILE A 49 4.03 11.07 20.94
C ILE A 49 4.22 11.54 22.37
N VAL A 50 3.55 12.63 22.68
CA VAL A 50 3.57 13.16 24.06
C VAL A 50 3.04 12.11 25.07
N VAL A 51 1.86 11.57 24.78
CA VAL A 51 1.24 10.52 25.57
C VAL A 51 2.15 9.30 25.70
N SER A 52 2.75 8.86 24.60
CA SER A 52 3.59 7.64 24.66
C SER A 52 4.77 7.82 25.60
N TYR A 53 5.46 8.94 25.45
CA TYR A 53 6.56 9.26 26.36
C TYR A 53 6.17 9.48 27.87
N VAL A 54 5.05 10.14 28.13
CA VAL A 54 4.55 10.32 29.50
C VAL A 54 4.24 8.97 30.20
N LEU A 55 3.61 8.07 29.47
CA LEU A 55 3.26 6.72 29.91
C LEU A 55 4.53 5.97 30.25
N GLY A 56 5.59 6.15 29.46
CA GLY A 56 6.89 5.51 29.76
C GLY A 56 7.48 5.99 31.06
N VAL A 57 7.09 7.19 31.45
CA VAL A 57 7.59 7.74 32.73
C VAL A 57 6.69 7.39 33.91
N VAL A 58 5.39 7.64 33.78
CA VAL A 58 4.47 7.53 34.91
C VAL A 58 3.80 6.17 35.01
N GLU A 59 3.79 5.42 33.91
CA GLU A 59 3.23 4.09 33.90
C GLU A 59 4.32 3.09 33.47
N LEU A 60 5.48 3.26 34.08
CA LEU A 60 6.75 2.65 33.67
C LEU A 60 6.82 1.14 33.69
N HIS A 61 5.93 0.53 34.48
CA HIS A 61 5.82 -0.94 34.52
C HIS A 61 5.31 -1.48 33.24
N ALA A 62 4.57 -0.67 32.49
CA ALA A 62 3.76 -1.18 31.33
C ALA A 62 4.30 -0.88 29.95
N SER A 63 5.09 0.16 29.79
CA SER A 63 5.64 0.51 28.50
C SER A 63 6.80 1.46 28.76
N GLY A 64 7.57 1.75 27.71
CA GLY A 64 8.57 2.82 27.78
C GLY A 64 9.70 2.72 26.79
N ILE A 65 10.76 3.49 27.01
CA ILE A 65 11.81 3.62 25.98
C ILE A 65 12.57 2.31 25.84
N GLY A 66 12.48 1.44 26.84
CA GLY A 66 13.18 0.14 26.83
C GLY A 66 12.41 -0.92 26.06
N GLY A 67 11.21 -0.57 25.59
CA GLY A 67 10.34 -1.45 24.80
C GLY A 67 10.03 -1.13 23.32
N GLY A 68 8.78 -1.41 22.94
CA GLY A 68 8.31 -1.23 21.59
C GLY A 68 6.83 -1.04 21.56
N GLY A 69 6.22 -1.14 20.38
CA GLY A 69 4.83 -0.83 20.24
C GLY A 69 4.44 -0.80 18.79
N GLY A 70 3.19 -0.44 18.57
CA GLY A 70 2.61 -0.23 17.28
C GLY A 70 1.56 0.84 17.34
N MSE A 71 1.48 1.59 16.22
CA MSE A 71 0.55 2.71 16.16
C MSE A 71 -0.22 2.71 14.86
O MSE A 71 0.38 2.76 13.76
CB MSE A 71 1.29 4.03 16.34
CG MSE A 71 0.36 5.26 16.34
SE MSE A 71 1.23 6.96 16.65
CE MSE A 71 2.01 6.58 18.41
N LEU A 72 -1.54 2.74 15.00
CA LEU A 72 -2.45 2.83 13.88
C LEU A 72 -2.86 4.28 13.78
N ILE A 73 -2.77 4.84 12.58
CA ILE A 73 -3.13 6.25 12.33
C ILE A 73 -4.13 6.25 11.15
N ILE A 74 -5.37 6.64 11.44
CA ILE A 74 -6.43 6.72 10.43
C ILE A 74 -6.96 8.15 10.36
N SER A 75 -6.64 8.84 9.26
CA SER A 75 -7.08 10.21 9.03
C SER A 75 -8.17 10.14 7.99
N LYS A 76 -8.76 11.29 7.69
CA LYS A 76 -9.74 11.39 6.60
C LYS A 76 -9.23 10.82 5.28
N ASP A 77 -7.93 10.93 5.02
CA ASP A 77 -7.36 10.64 3.70
C ASP A 77 -6.33 9.48 3.65
N LYS A 78 -5.84 9.05 4.81
CA LYS A 78 -4.74 8.07 4.84
C LYS A 78 -4.96 7.06 5.98
N GLU A 79 -4.48 5.82 5.77
CA GLU A 79 -4.39 4.79 6.82
C GLU A 79 -2.97 4.25 6.89
N THR A 80 -2.38 4.25 8.08
CA THR A 80 -0.99 3.85 8.28
C THR A 80 -0.85 3.04 9.55
N PHE A 81 0.02 2.05 9.51
CA PHE A 81 0.42 1.32 10.71
C PHE A 81 1.94 1.42 10.87
N ILE A 82 2.42 1.97 11.99
CA ILE A 82 3.86 1.97 12.24
C ILE A 82 4.25 0.89 13.28
N ASP A 83 5.10 -0.04 12.84
CA ASP A 83 5.59 -1.13 13.64
C ASP A 83 6.95 -0.76 14.25
N TYR A 84 6.98 -0.49 15.55
CA TYR A 84 8.24 -0.24 16.26
C TYR A 84 8.45 -1.26 17.40
N ARG A 85 8.11 -2.51 17.09
CA ARG A 85 8.33 -3.60 17.95
C ARG A 85 9.83 -3.89 17.97
N GLU A 86 10.31 -4.39 19.10
CA GLU A 86 11.72 -4.75 19.26
C GLU A 86 12.13 -5.83 18.27
N THR A 87 13.41 -5.83 17.91
CA THR A 87 13.95 -6.83 16.99
C THR A 87 15.00 -7.70 17.70
N THR A 88 15.09 -8.96 17.29
CA THR A 88 15.95 -9.90 17.95
C THR A 88 17.43 -9.56 17.64
N PRO A 89 18.29 -9.59 18.66
CA PRO A 89 19.71 -9.39 18.44
C PRO A 89 20.34 -10.67 17.90
N TYR A 90 21.63 -10.61 17.58
CA TYR A 90 22.34 -11.76 17.05
C TYR A 90 22.28 -12.92 18.08
N PRO A 97 18.86 -13.13 29.94
CA PRO A 97 17.47 -13.03 29.49
C PRO A 97 17.34 -12.72 28.01
N HIS A 98 16.16 -12.93 27.44
CA HIS A 98 15.93 -12.57 26.07
C HIS A 98 15.47 -11.09 26.04
N ILE A 99 16.31 -10.20 25.52
CA ILE A 99 15.96 -8.76 25.38
C ILE A 99 16.10 -8.38 23.92
N GLY A 100 15.09 -7.68 23.38
CA GLY A 100 15.05 -7.31 21.96
C GLY A 100 15.61 -5.92 21.82
N VAL A 101 16.04 -5.53 20.63
CA VAL A 101 16.55 -4.16 20.45
C VAL A 101 15.34 -3.22 20.58
N PRO A 102 15.32 -2.30 21.54
CA PRO A 102 14.12 -1.44 21.72
C PRO A 102 13.77 -0.56 20.54
N GLY A 103 12.48 -0.51 20.19
CA GLY A 103 11.98 0.22 19.07
C GLY A 103 11.27 1.52 19.34
N PHE A 104 10.85 1.73 20.60
CA PHE A 104 10.06 2.89 21.00
C PHE A 104 10.62 4.25 20.49
N VAL A 105 11.86 4.56 20.87
CA VAL A 105 12.50 5.85 20.53
C VAL A 105 12.56 6.10 18.99
N ALA A 106 13.00 5.08 18.24
CA ALA A 106 12.99 5.08 16.76
C ALA A 106 11.58 5.22 16.15
N GLY A 107 10.59 4.54 16.75
CA GLY A 107 9.21 4.67 16.35
C GLY A 107 8.67 6.07 16.45
N MSE A 108 8.83 6.66 17.63
CA MSE A 108 8.35 8.01 17.89
C MSE A 108 9.02 9.02 16.96
O MSE A 108 8.36 9.92 16.43
CB MSE A 108 8.56 8.39 19.35
CG MSE A 108 7.77 7.56 20.38
SE MSE A 108 5.86 7.53 20.04
CE MSE A 108 5.54 5.66 19.78
N GLU A 109 10.35 8.87 16.74
CA GLU A 109 11.02 9.80 15.83
C GLU A 109 10.55 9.66 14.39
N TYR A 110 10.39 8.43 13.92
CA TYR A 110 9.85 8.14 12.58
C TYR A 110 8.43 8.68 12.39
N ILE A 111 7.60 8.44 13.39
CA ILE A 111 6.23 8.96 13.42
C ILE A 111 6.24 10.47 13.38
N HIS A 112 7.04 11.08 14.25
CA HIS A 112 7.15 12.52 14.20
C HIS A 112 7.54 13.08 12.82
N ASP A 113 8.61 12.53 12.25
CA ASP A 113 9.19 13.09 11.03
C ASP A 113 8.29 12.88 9.82
N ASN A 114 7.43 11.88 9.87
CA ASN A 114 6.63 11.56 8.71
C ASN A 114 5.15 11.89 8.85
N TYR A 115 4.65 12.02 10.10
CA TYR A 115 3.23 12.29 10.37
C TYR A 115 2.97 13.38 11.41
N GLY A 116 4.02 13.88 12.06
CA GLY A 116 3.87 14.92 13.04
C GLY A 116 3.96 16.35 12.56
N SER A 117 3.83 17.26 13.50
CA SER A 117 3.74 18.67 13.15
C SER A 117 4.68 19.56 13.95
N LEU A 118 4.55 19.50 15.25
CA LEU A 118 5.40 20.31 16.11
C LEU A 118 6.81 19.67 16.16
N PRO A 119 7.85 20.48 16.49
CA PRO A 119 9.18 19.89 16.67
C PRO A 119 9.23 18.91 17.83
N MSE A 120 10.11 17.92 17.69
CA MSE A 120 10.21 16.85 18.66
C MSE A 120 10.53 17.33 20.07
O MSE A 120 9.92 16.86 21.04
CB MSE A 120 11.26 15.83 18.20
CG MSE A 120 11.23 14.57 18.99
SE MSE A 120 9.46 13.79 18.85
CE MSE A 120 10.00 12.14 18.04
N GLY A 121 11.44 18.27 20.19
CA GLY A 121 11.86 18.70 21.49
C GLY A 121 10.71 19.04 22.40
N GLU A 122 9.78 19.82 21.90
CA GLU A 122 8.60 20.23 22.65
C GLU A 122 7.77 19.05 23.15
N LEU A 123 7.61 18.07 22.28
CA LEU A 123 6.83 16.88 22.59
C LEU A 123 7.40 15.96 23.69
N LEU A 124 8.74 15.99 23.90
CA LEU A 124 9.39 15.20 24.94
C LEU A 124 9.35 15.88 26.28
N GLN A 125 9.11 17.20 26.27
CA GLN A 125 9.26 17.98 27.49
C GLN A 125 8.29 17.57 28.61
N PRO A 126 7.01 17.34 28.32
CA PRO A 126 6.19 16.93 29.48
C PRO A 126 6.69 15.67 30.21
N ALA A 127 7.09 14.64 29.45
CA ALA A 127 7.66 13.44 30.03
C ALA A 127 8.90 13.77 30.86
N ILE A 128 9.79 14.59 30.31
CA ILE A 128 11.01 15.00 30.96
C ILE A 128 10.69 15.66 32.30
N ASN A 129 9.64 16.49 32.35
CA ASN A 129 9.26 17.18 33.59
C ASN A 129 8.84 16.22 34.71
N TYR A 130 8.04 15.20 34.35
CA TYR A 130 7.65 14.15 35.30
C TYR A 130 8.82 13.28 35.73
N ALA A 131 9.79 13.04 34.84
CA ALA A 131 11.03 12.33 35.21
C ALA A 131 11.84 13.18 36.23
N GLU A 132 12.01 14.45 35.93
CA GLU A 132 12.93 15.31 36.67
C GLU A 132 12.29 15.84 37.94
N LYS A 133 11.06 16.32 37.82
CA LYS A 133 10.34 16.89 38.95
C LYS A 133 9.56 15.86 39.75
N GLY A 134 9.13 14.77 39.10
CA GLY A 134 8.45 13.70 39.81
C GLY A 134 6.97 13.65 39.51
N PHE A 135 6.33 12.58 39.98
CA PHE A 135 4.87 12.43 39.92
C PHE A 135 4.42 11.58 41.10
N LYS A 136 3.15 11.70 41.47
CA LYS A 136 2.63 10.97 42.63
C LYS A 136 2.34 9.55 42.24
N VAL A 137 2.95 8.59 42.93
CA VAL A 137 2.71 7.20 42.57
C VAL A 137 1.29 6.83 43.02
N ASP A 138 0.67 5.92 42.28
CA ASP A 138 -0.67 5.43 42.59
C ASP A 138 -0.62 4.02 43.15
N ASP A 139 -1.80 3.53 43.55
CA ASP A 139 -1.93 2.19 44.11
C ASP A 139 -1.49 1.09 43.16
N SER A 140 -1.68 1.29 41.85
CA SER A 140 -1.34 0.24 40.90
C SER A 140 0.18 0.07 40.67
N LEU A 141 0.92 1.17 40.66
CA LEU A 141 2.37 1.07 40.54
C LEU A 141 2.96 0.44 41.82
N THR A 142 2.49 0.84 43.00
CA THR A 142 2.90 0.16 44.24
C THR A 142 2.68 -1.35 44.17
N MSE A 143 1.51 -1.75 43.83
CA MSE A 143 1.20 -3.18 43.77
C MSE A 143 2.01 -3.93 42.69
O MSE A 143 2.43 -5.06 42.90
CB MSE A 143 -0.30 -3.39 43.58
CG MSE A 143 -0.68 -4.84 43.33
SE MSE A 143 -0.77 -5.23 41.44
CE MSE A 143 -2.69 -4.96 41.29
N ARG A 144 2.16 -3.34 41.51
CA ARG A 144 3.04 -3.88 40.50
C ARG A 144 4.47 -4.10 40.99
N LEU A 145 5.01 -3.13 41.70
CA LEU A 145 6.34 -3.22 42.25
C LEU A 145 6.39 -4.35 43.31
N ASP A 146 5.37 -4.38 44.17
CA ASP A 146 5.25 -5.39 45.19
C ASP A 146 5.31 -6.78 44.59
N LEU A 147 4.45 -7.06 43.61
CA LEU A 147 4.41 -8.36 42.96
C LEU A 147 5.66 -8.69 42.16
N ALA A 148 6.35 -7.68 41.64
CA ALA A 148 7.55 -7.90 40.84
C ALA A 148 8.81 -8.06 41.69
N LYS A 149 8.77 -7.64 42.95
CA LYS A 149 9.98 -7.54 43.76
C LYS A 149 10.83 -8.83 43.73
N PRO A 150 10.19 -10.01 43.86
CA PRO A 150 10.98 -11.26 43.76
C PRO A 150 11.77 -11.48 42.48
N ARG A 151 11.19 -11.07 41.35
CA ARG A 151 11.83 -11.19 40.07
C ARG A 151 12.87 -10.07 39.79
N ILE A 152 12.68 -8.85 40.32
CA ILE A 152 13.45 -7.70 39.79
C ILE A 152 14.29 -6.93 40.78
N TYR A 153 14.00 -7.09 42.06
CA TYR A 153 14.55 -6.18 43.03
C TYR A 153 16.05 -6.45 43.18
N SER A 154 16.84 -5.42 42.96
CA SER A 154 18.29 -5.54 42.85
C SER A 154 18.80 -4.29 43.49
N ASP A 155 20.12 -4.14 43.55
CA ASP A 155 20.68 -2.96 44.18
C ASP A 155 20.57 -1.72 43.30
N LYS A 156 20.15 -1.91 42.04
CA LYS A 156 20.02 -0.79 41.09
C LYS A 156 18.69 -0.02 41.26
N LEU A 157 17.76 -0.57 42.05
CA LEU A 157 16.34 -0.16 42.01
C LEU A 157 15.90 0.59 43.28
N SER A 158 16.83 1.26 43.93
CA SER A 158 16.49 1.84 45.22
C SER A 158 15.39 2.90 45.12
N ILE A 159 15.32 3.69 44.04
CA ILE A 159 14.22 4.70 43.95
C ILE A 159 12.79 4.14 43.93
N PHE A 160 12.64 2.91 43.45
CA PHE A 160 11.35 2.22 43.40
C PHE A 160 11.03 1.44 44.65
N TYR A 161 12.06 1.14 45.44
CA TYR A 161 11.93 0.38 46.70
C TYR A 161 12.64 1.09 47.83
N PRO A 162 12.16 2.29 48.20
CA PRO A 162 12.72 3.07 49.30
C PRO A 162 12.66 2.32 50.64
N ASN A 163 13.79 2.25 51.33
CA ASN A 163 13.93 1.46 52.55
C ASN A 163 13.53 0.00 52.36
N GLY A 164 13.70 -0.52 51.14
CA GLY A 164 13.51 -1.93 50.84
C GLY A 164 12.12 -2.36 50.44
N GLU A 165 11.14 -1.47 50.56
CA GLU A 165 9.75 -1.77 50.27
C GLU A 165 9.25 -0.94 49.07
N PRO A 166 8.24 -1.44 48.35
CA PRO A 166 7.67 -0.68 47.21
C PRO A 166 7.26 0.72 47.58
N ILE A 167 7.62 1.71 46.76
CA ILE A 167 7.27 3.11 47.02
C ILE A 167 5.75 3.19 47.18
N GLU A 168 5.31 3.94 48.18
CA GLU A 168 3.90 3.91 48.63
C GLU A 168 3.06 4.87 47.81
N THR A 169 1.80 4.48 47.61
CA THR A 169 0.82 5.34 47.00
C THR A 169 0.89 6.71 47.64
N GLY A 170 0.80 7.73 46.80
CA GLY A 170 0.84 9.09 47.26
C GLY A 170 2.21 9.71 47.27
N GLU A 171 3.25 8.88 47.26
CA GLU A 171 4.63 9.36 47.35
C GLU A 171 5.07 9.91 46.00
N THR A 172 5.99 10.87 46.01
CA THR A 172 6.53 11.41 44.76
C THR A 172 7.72 10.58 44.30
N LEU A 173 7.62 10.02 43.10
CA LEU A 173 8.74 9.31 42.49
C LEU A 173 9.44 10.20 41.50
N ILE A 174 10.73 10.45 41.76
CA ILE A 174 11.63 11.26 40.94
C ILE A 174 12.62 10.29 40.25
N GLN A 175 12.78 10.50 38.94
CA GLN A 175 13.60 9.60 38.06
C GLN A 175 14.70 10.39 37.30
N THR A 176 15.73 10.77 38.06
CA THR A 176 16.83 11.56 37.57
C THR A 176 17.64 10.96 36.43
N ASP A 177 18.01 9.69 36.53
CA ASP A 177 18.70 8.97 35.45
C ASP A 177 17.88 8.99 34.17
N LEU A 178 16.58 8.68 34.27
CA LEU A 178 15.70 8.72 33.11
C LEU A 178 15.57 10.12 32.50
N ALA A 179 15.47 11.16 33.35
CA ALA A 179 15.47 12.53 32.84
C ALA A 179 16.71 12.80 32.00
N ARG A 180 17.88 12.41 32.49
CA ARG A 180 19.12 12.54 31.73
C ARG A 180 19.01 11.88 30.37
N THR A 181 18.54 10.64 30.33
CA THR A 181 18.40 9.93 29.07
C THR A 181 17.45 10.65 28.15
N LEU A 182 16.28 11.02 28.68
CA LEU A 182 15.27 11.70 27.87
C LEU A 182 15.82 13.08 27.36
N LYS A 183 16.55 13.80 28.19
CA LYS A 183 17.15 15.06 27.74
C LYS A 183 18.18 14.82 26.63
N LYS A 184 18.91 13.69 26.68
CA LYS A 184 19.86 13.35 25.62
C LYS A 184 19.17 13.08 24.31
N ILE A 185 18.08 12.33 24.38
CA ILE A 185 17.24 12.07 23.22
C ILE A 185 16.63 13.42 22.71
N GLN A 186 16.22 14.28 23.64
CA GLN A 186 15.63 15.59 23.29
C GLN A 186 16.66 16.41 22.48
N LYS A 187 17.92 16.39 22.91
CA LYS A 187 19.00 17.13 22.25
C LYS A 187 19.51 16.47 20.97
N GLU A 188 19.73 15.16 21.01
CA GLU A 188 20.43 14.48 19.89
C GLU A 188 19.54 13.69 18.93
N GLY A 189 18.27 13.60 19.23
CA GLY A 189 17.40 12.73 18.45
C GLY A 189 17.64 11.29 18.87
N ALA A 190 17.24 10.38 17.99
CA ALA A 190 17.32 8.96 18.25
C ALA A 190 18.74 8.49 18.47
N LYS A 191 19.71 9.16 17.85
CA LYS A 191 21.13 8.89 18.12
C LYS A 191 21.48 8.94 19.60
N GLY A 192 20.76 9.77 20.36
CA GLY A 192 20.94 9.85 21.79
C GLY A 192 20.62 8.59 22.56
N PHE A 193 19.86 7.68 21.93
CA PHE A 193 19.51 6.37 22.51
C PHE A 193 20.31 5.23 21.84
N TYR A 194 20.35 5.23 20.48
CA TYR A 194 20.88 4.12 19.69
C TYR A 194 22.39 4.20 19.43
N GLU A 195 23.05 5.23 19.94
CA GLU A 195 24.50 5.39 19.83
C GLU A 195 24.95 6.06 21.09
N GLY A 196 26.25 6.23 21.26
CA GLY A 196 26.78 6.94 22.41
C GLY A 196 26.68 6.19 23.70
N GLY A 197 26.76 6.94 24.79
CA GLY A 197 26.72 6.37 26.12
C GLY A 197 25.49 5.54 26.44
N VAL A 198 24.30 5.93 25.93
CA VAL A 198 23.13 5.20 26.27
C VAL A 198 23.20 3.83 25.62
N ALA A 199 23.59 3.82 24.34
CA ALA A 199 23.80 2.59 23.59
C ALA A 199 24.84 1.72 24.26
N ARG A 200 25.90 2.33 24.77
CA ARG A 200 26.87 1.58 25.53
C ARG A 200 26.24 0.93 26.78
N ALA A 201 25.42 1.69 27.53
CA ALA A 201 24.72 1.17 28.72
C ALA A 201 23.82 -0.02 28.38
N ILE A 202 23.04 0.11 27.30
CA ILE A 202 22.17 -0.97 26.82
C ILE A 202 22.98 -2.20 26.43
N SER A 203 24.10 -1.95 25.77
CA SER A 203 24.92 -3.05 25.28
C SER A 203 25.44 -3.87 26.44
N LYS A 204 25.92 -3.19 27.48
CA LYS A 204 26.48 -3.85 28.64
C LYS A 204 25.41 -4.60 29.43
N THR A 205 24.20 -4.04 29.54
CA THR A 205 23.19 -4.60 30.42
C THR A 205 22.46 -5.73 29.72
N ALA A 206 22.16 -5.53 28.42
CA ALA A 206 21.38 -6.50 27.63
C ALA A 206 22.24 -7.52 26.88
N LYS A 207 23.55 -7.30 26.79
CA LYS A 207 24.43 -8.18 26.00
C LYS A 207 24.02 -8.15 24.53
N ILE A 208 23.94 -6.92 24.01
CA ILE A 208 23.55 -6.68 22.66
C ILE A 208 24.64 -5.79 22.06
N SER A 209 25.06 -6.11 20.85
CA SER A 209 26.15 -5.36 20.21
C SER A 209 25.72 -3.95 19.86
N LEU A 210 26.67 -3.03 19.88
CA LEU A 210 26.42 -1.65 19.43
C LEU A 210 25.91 -1.66 17.99
N GLU A 211 26.38 -2.60 17.18
CA GLU A 211 25.91 -2.77 15.82
C GLU A 211 24.40 -3.09 15.73
N ASP A 212 23.91 -4.02 16.55
CA ASP A 212 22.49 -4.39 16.53
C ASP A 212 21.65 -3.20 17.00
N ILE A 213 22.12 -2.51 18.02
CA ILE A 213 21.40 -1.35 18.55
C ILE A 213 21.27 -0.24 17.50
N LYS A 214 22.33 0.04 16.82
CA LYS A 214 22.34 1.13 15.82
C LYS A 214 21.55 0.76 14.59
N GLY A 215 21.47 -0.55 14.32
CA GLY A 215 20.86 -1.02 13.12
C GLY A 215 19.35 -1.15 13.19
N TYR A 216 18.76 -0.75 14.30
CA TYR A 216 17.33 -0.86 14.46
C TYR A 216 16.61 -0.05 13.38
N LYS A 217 15.59 -0.65 12.78
CA LYS A 217 14.73 0.04 11.80
C LYS A 217 13.24 -0.19 12.06
N VAL A 218 12.48 0.89 12.03
CA VAL A 218 11.01 0.83 12.04
C VAL A 218 10.47 0.22 10.75
N GLU A 219 9.31 -0.42 10.83
CA GLU A 219 8.59 -0.84 9.61
C GLU A 219 7.26 -0.11 9.49
N VAL A 220 6.98 0.41 8.30
CA VAL A 220 5.69 1.02 7.96
C VAL A 220 4.93 -0.05 7.21
N ARG A 221 3.68 -0.29 7.65
CA ARG A 221 2.88 -1.39 7.13
C ARG A 221 1.50 -0.86 6.81
N LYS A 222 0.80 -1.54 5.90
CA LYS A 222 -0.59 -1.21 5.59
C LYS A 222 -1.49 -1.80 6.66
N PRO A 223 -2.41 -1.01 7.21
CA PRO A 223 -3.36 -1.68 8.11
C PRO A 223 -4.16 -2.81 7.45
N VAL A 224 -4.51 -3.85 8.22
CA VAL A 224 -5.48 -4.85 7.77
C VAL A 224 -6.81 -4.11 7.68
N LYS A 225 -7.54 -4.34 6.59
CA LYS A 225 -8.84 -3.70 6.36
C LYS A 225 -9.88 -4.75 6.00
N GLY A 226 -10.98 -4.74 6.75
CA GLY A 226 -12.11 -5.62 6.55
C GLY A 226 -13.38 -4.84 6.86
N ASN A 227 -14.45 -5.60 7.01
CA ASN A 227 -15.75 -5.05 7.38
C ASN A 227 -16.35 -5.92 8.48
N TYR A 228 -17.14 -5.29 9.36
CA TYR A 228 -17.80 -6.00 10.42
C TYR A 228 -18.98 -5.18 10.90
N MSE A 229 -20.17 -5.76 10.86
CA MSE A 229 -21.40 -5.09 11.31
C MSE A 229 -21.62 -3.73 10.64
O MSE A 229 -22.11 -2.78 11.27
CB MSE A 229 -21.40 -4.96 12.83
CG MSE A 229 -21.56 -6.27 13.55
SE MSE A 229 -23.39 -6.95 13.37
CE MSE A 229 -24.29 -5.73 14.60
N GLY A 230 -21.25 -3.64 9.36
CA GLY A 230 -21.42 -2.41 8.61
C GLY A 230 -20.35 -1.36 8.87
N TYR A 231 -19.34 -1.73 9.65
CA TYR A 231 -18.18 -0.88 9.89
C TYR A 231 -17.07 -1.30 8.96
N ASP A 232 -16.36 -0.33 8.40
CA ASP A 232 -15.02 -0.67 7.88
C ASP A 232 -14.10 -0.77 9.11
N VAL A 233 -13.26 -1.79 9.13
CA VAL A 233 -12.34 -2.04 10.25
C VAL A 233 -10.89 -2.01 9.77
N TYR A 234 -10.09 -1.18 10.43
CA TYR A 234 -8.65 -1.07 10.21
C TYR A 234 -7.99 -1.63 11.46
N THR A 235 -7.07 -2.57 11.28
CA THR A 235 -6.42 -3.18 12.43
C THR A 235 -4.94 -3.52 12.14
N ALA A 236 -4.27 -4.08 13.14
CA ALA A 236 -2.83 -4.19 13.13
C ALA A 236 -2.42 -5.42 12.35
N PRO A 237 -1.52 -5.26 11.36
CA PRO A 237 -1.11 -6.42 10.54
C PRO A 237 -0.01 -7.26 11.18
N PRO A 238 0.28 -8.45 10.59
CA PRO A 238 1.41 -9.25 11.02
C PRO A 238 2.67 -8.42 11.17
N PRO A 239 3.41 -8.64 12.27
CA PRO A 239 3.31 -9.70 13.30
C PRO A 239 2.28 -9.43 14.44
N PHE A 240 1.53 -8.32 14.34
CA PHE A 240 0.44 -8.04 15.29
C PHE A 240 -0.74 -8.97 14.94
N SER A 241 -1.80 -8.98 15.77
CA SER A 241 -2.89 -9.95 15.61
C SER A 241 -4.27 -9.34 15.33
N GLY A 242 -4.28 -8.30 14.53
CA GLY A 242 -5.55 -7.75 14.06
C GLY A 242 -6.34 -8.70 13.19
N VAL A 243 -5.66 -9.51 12.37
CA VAL A 243 -6.37 -10.55 11.59
C VAL A 243 -7.21 -11.49 12.50
N THR A 244 -6.60 -11.97 13.57
CA THR A 244 -7.27 -12.86 14.51
C THR A 244 -8.47 -12.18 15.15
N LEU A 245 -8.32 -10.92 15.55
CA LEU A 245 -9.43 -10.20 16.19
C LEU A 245 -10.59 -10.04 15.24
N LEU A 246 -10.30 -9.63 13.99
CA LEU A 246 -11.35 -9.40 12.99
C LEU A 246 -12.07 -10.70 12.53
N GLN A 247 -11.30 -11.76 12.32
CA GLN A 247 -11.87 -13.09 12.13
C GLN A 247 -12.87 -13.48 13.24
N MSE A 248 -12.47 -13.29 14.47
CA MSE A 248 -13.32 -13.58 15.62
C MSE A 248 -14.59 -12.71 15.66
O MSE A 248 -15.66 -13.21 15.96
CB MSE A 248 -12.54 -13.46 16.92
CG MSE A 248 -11.58 -14.60 17.18
SE MSE A 248 -10.62 -14.48 18.84
CE MSE A 248 -12.08 -14.38 20.09
N LEU A 249 -14.42 -11.41 15.40
CA LEU A 249 -15.57 -10.53 15.32
C LEU A 249 -16.53 -11.00 14.22
N LYS A 250 -15.97 -11.31 13.04
CA LYS A 250 -16.79 -11.74 11.90
C LYS A 250 -17.45 -13.10 12.14
N LEU A 251 -16.70 -14.05 12.67
CA LEU A 251 -17.26 -15.31 13.19
C LEU A 251 -18.41 -15.11 14.20
N ALA A 252 -18.25 -14.19 15.16
CA ALA A 252 -19.30 -13.95 16.17
C ALA A 252 -20.55 -13.32 15.55
N GLU A 253 -20.35 -12.40 14.59
CA GLU A 253 -21.45 -11.84 13.81
C GLU A 253 -22.23 -12.95 13.06
N LYS A 254 -21.51 -13.78 12.32
CA LYS A 254 -22.14 -14.80 11.43
C LYS A 254 -22.84 -15.88 12.23
N LYS A 255 -22.24 -16.28 13.32
CA LYS A 255 -22.80 -17.32 14.17
C LYS A 255 -23.83 -16.73 15.14
N GLU A 256 -24.04 -15.41 15.06
CA GLU A 256 -25.09 -14.73 15.85
C GLU A 256 -25.04 -15.13 17.33
N VAL A 257 -23.84 -15.15 17.89
CA VAL A 257 -23.66 -15.53 19.28
C VAL A 257 -24.34 -14.56 20.23
N TYR A 258 -24.57 -13.33 19.77
CA TYR A 258 -25.25 -12.34 20.59
C TYR A 258 -26.66 -12.77 21.00
N LYS A 259 -27.32 -13.55 20.14
CA LYS A 259 -28.64 -14.12 20.47
C LYS A 259 -28.61 -14.97 21.76
N ASP A 260 -27.43 -15.50 22.12
CA ASP A 260 -27.24 -16.23 23.39
C ASP A 260 -26.63 -15.42 24.54
N VAL A 261 -26.55 -14.09 24.41
CA VAL A 261 -25.79 -13.28 25.38
C VAL A 261 -26.34 -13.36 26.82
N ASP A 262 -27.64 -13.57 26.95
CA ASP A 262 -28.26 -13.73 28.27
C ASP A 262 -28.13 -15.15 28.84
N HIS A 263 -27.60 -16.07 28.05
CA HIS A 263 -27.45 -17.46 28.47
C HIS A 263 -25.97 -17.87 28.55
N THR A 264 -25.39 -17.64 29.73
CA THR A 264 -23.94 -17.57 29.93
C THR A 264 -23.13 -18.78 29.45
N ALA A 265 -23.55 -19.98 29.84
CA ALA A 265 -22.84 -21.19 29.42
C ALA A 265 -22.82 -21.31 27.89
N THR A 266 -23.90 -20.91 27.22
CA THR A 266 -23.96 -20.99 25.76
C THR A 266 -23.06 -19.94 25.13
N TYR A 267 -23.13 -18.72 25.65
CA TYR A 267 -22.33 -17.62 25.16
C TYR A 267 -20.86 -17.98 25.28
N MSE A 268 -20.48 -18.44 26.48
CA MSE A 268 -19.07 -18.77 26.75
C MSE A 268 -18.58 -19.91 25.86
O MSE A 268 -17.50 -19.81 25.27
CB MSE A 268 -18.86 -19.12 28.22
CG MSE A 268 -18.96 -17.93 29.14
SE MSE A 268 -18.75 -18.40 31.02
CE MSE A 268 -16.94 -19.05 31.00
N SER A 269 -19.39 -20.92 25.78
CA SER A 269 -18.99 -22.07 24.98
C SER A 269 -18.84 -21.69 23.50
N LYS A 270 -19.75 -20.88 22.99
CA LYS A 270 -19.71 -20.48 21.59
C LYS A 270 -18.53 -19.56 21.31
N MSE A 271 -18.13 -18.74 22.33
CA MSE A 271 -16.97 -17.87 22.22
C MSE A 271 -15.68 -18.68 22.26
O MSE A 271 -14.71 -18.37 21.54
CB MSE A 271 -16.95 -16.80 23.32
CG MSE A 271 -17.80 -15.57 23.02
SE MSE A 271 -17.29 -14.68 21.34
CE MSE A 271 -18.64 -13.29 21.35
N GLU A 272 -15.70 -19.81 23.02
CA GLU A 272 -14.54 -20.64 23.11
C GLU A 272 -14.30 -21.25 21.77
N GLU A 273 -15.36 -21.58 21.10
CA GLU A 273 -15.26 -22.24 19.81
C GLU A 273 -14.66 -21.27 18.78
N ILE A 274 -15.21 -20.06 18.72
CA ILE A 274 -14.76 -19.01 17.78
C ILE A 274 -13.29 -18.65 17.98
N SER A 275 -12.85 -18.57 19.24
CA SER A 275 -11.48 -18.22 19.54
C SER A 275 -10.48 -19.33 19.19
N ARG A 276 -10.81 -20.59 19.47
CA ARG A 276 -9.85 -21.64 19.11
C ARG A 276 -9.79 -21.82 17.59
N ILE A 277 -10.90 -21.66 16.88
CA ILE A 277 -10.85 -21.65 15.42
C ILE A 277 -9.84 -20.60 14.93
N ALA A 278 -10.03 -19.36 15.36
CA ALA A 278 -9.17 -18.27 14.92
C ALA A 278 -7.72 -18.46 15.38
N TYR A 279 -7.51 -18.87 16.64
CA TYR A 279 -6.15 -19.08 17.15
C TYR A 279 -5.46 -20.18 16.37
N GLN A 280 -6.21 -21.23 16.03
CA GLN A 280 -5.68 -22.30 15.17
C GLN A 280 -5.17 -21.76 13.84
N ASP A 281 -6.05 -21.04 13.15
CA ASP A 281 -5.75 -20.40 11.86
C ASP A 281 -4.46 -19.54 11.91
N ARG A 282 -4.26 -18.83 13.03
CA ARG A 282 -3.04 -18.05 13.23
C ARG A 282 -1.84 -18.96 13.37
N LYS A 283 -2.06 -20.09 14.04
CA LYS A 283 -0.99 -21.03 14.35
C LYS A 283 -0.48 -21.67 13.06
N LYS A 284 -1.40 -22.21 12.27
CA LYS A 284 -1.00 -22.91 11.03
C LYS A 284 -0.36 -21.98 10.01
N ASN A 285 -0.62 -20.68 10.17
CA ASN A 285 -0.07 -19.64 9.31
C ASN A 285 1.06 -18.84 9.96
N LEU A 286 1.41 -19.13 11.23
CA LEU A 286 2.68 -18.68 11.80
C LEU A 286 3.80 -19.44 11.09
N GLY A 287 3.51 -20.70 10.73
CA GLY A 287 4.45 -21.50 9.94
C GLY A 287 3.84 -22.80 9.46
N MSE A 294 1.09 -13.29 1.03
CA MSE A 294 -0.09 -13.87 1.67
C MSE A 294 -0.91 -12.77 2.35
O MSE A 294 -0.60 -12.33 3.45
CB MSE A 294 0.28 -15.01 2.64
CG MSE A 294 1.48 -14.73 3.56
SE MSE A 294 3.22 -14.85 2.67
CE MSE A 294 3.25 -16.77 2.30
N ASP A 295 -1.93 -12.44 1.74
CA ASP A 295 -2.66 -11.20 2.03
C ASP A 295 -3.46 -11.22 3.35
N PRO A 296 -3.15 -10.28 4.27
CA PRO A 296 -3.99 -10.26 5.47
C PRO A 296 -5.44 -9.82 5.18
N ASN A 297 -5.65 -8.98 4.19
CA ASN A 297 -7.01 -8.56 3.82
C ASN A 297 -7.87 -9.74 3.34
N LYS A 298 -7.21 -10.69 2.69
CA LYS A 298 -7.86 -11.89 2.21
C LYS A 298 -8.14 -12.83 3.39
N MSE A 299 -7.34 -12.75 4.41
CA MSE A 299 -7.55 -13.59 5.61
C MSE A 299 -8.72 -13.12 6.49
O MSE A 299 -9.13 -13.82 7.41
CB MSE A 299 -6.27 -13.67 6.42
CG MSE A 299 -5.13 -14.42 5.75
SE MSE A 299 -3.62 -14.58 6.97
CE MSE A 299 -4.26 -16.06 8.06
N VAL A 300 -9.24 -11.92 6.27
CA VAL A 300 -10.39 -11.36 7.02
C VAL A 300 -11.63 -11.15 6.14
N SER A 301 -11.56 -11.66 4.90
CA SER A 301 -12.64 -11.53 3.93
C SER A 301 -13.81 -12.46 4.28
N ASP A 302 -15.02 -12.05 3.90
CA ASP A 302 -16.20 -12.90 4.11
C ASP A 302 -15.99 -14.33 3.61
N LYS A 303 -15.30 -14.47 2.48
CA LYS A 303 -15.09 -15.79 1.88
C LYS A 303 -14.08 -16.63 2.66
N TYR A 304 -13.05 -15.99 3.20
CA TYR A 304 -12.11 -16.70 4.06
C TYR A 304 -12.80 -17.15 5.35
N ILE A 305 -13.55 -16.25 5.98
CA ILE A 305 -14.31 -16.57 7.20
C ILE A 305 -15.31 -17.71 6.93
N SER A 306 -15.93 -17.70 5.75
CA SER A 306 -16.81 -18.80 5.26
C SER A 306 -16.17 -20.17 5.39
N THR A 307 -14.91 -20.27 5.03
CA THR A 307 -14.19 -21.55 5.05
C THR A 307 -13.50 -21.92 6.34
N MSE A 308 -13.62 -21.17 7.36
CA MSE A 308 -12.90 -21.38 8.62
C MSE A 308 -13.55 -22.46 9.48
O MSE A 308 -14.76 -22.42 9.74
CB MSE A 308 -12.80 -20.07 9.40
CG MSE A 308 -11.98 -19.00 8.71
SE MSE A 308 -11.55 -17.51 9.90
CE MSE A 308 -10.29 -18.43 11.03
N LYS A 309 -12.75 -23.38 9.88
CA LYS A 309 -13.21 -24.45 10.75
C LYS A 309 -12.14 -24.91 11.73
N THR B 1 2.07 -3.73 29.05
CA THR B 1 1.36 -3.25 27.83
C THR B 1 0.39 -2.15 28.24
N THR B 2 0.27 -1.15 27.40
CA THR B 2 -0.66 -0.03 27.62
C THR B 2 -1.28 0.28 26.28
N HIS B 3 -2.58 0.60 26.26
CA HIS B 3 -3.25 1.01 25.08
C HIS B 3 -3.87 2.41 25.26
N PHE B 4 -3.64 3.32 24.29
CA PHE B 4 -4.34 4.62 24.27
C PHE B 4 -5.00 4.92 22.89
N VAL B 5 -5.95 5.86 22.92
CA VAL B 5 -6.68 6.32 21.74
C VAL B 5 -6.80 7.83 21.81
N ILE B 6 -6.53 8.47 20.68
CA ILE B 6 -6.64 9.93 20.54
C ILE B 6 -7.46 10.26 19.32
N ILE B 7 -8.34 11.25 19.41
CA ILE B 7 -8.99 11.80 18.20
C ILE B 7 -8.84 13.30 18.23
N ASP B 8 -8.43 13.87 17.09
CA ASP B 8 -8.19 15.32 17.02
C ASP B 8 -9.29 16.08 16.24
N ARG B 9 -9.10 17.39 16.04
CA ARG B 9 -10.07 18.23 15.33
C ARG B 9 -10.30 17.83 13.88
N ASP B 10 -9.31 17.21 13.27
CA ASP B 10 -9.45 16.75 11.88
C ASP B 10 -10.13 15.41 11.78
N GLY B 11 -10.49 14.83 12.92
CA GLY B 11 -11.11 13.50 12.96
C GLY B 11 -10.12 12.38 12.76
N THR B 12 -8.84 12.68 12.86
CA THR B 12 -7.83 11.63 12.72
C THR B 12 -7.85 10.87 14.04
N VAL B 13 -7.76 9.55 13.94
CA VAL B 13 -7.79 8.68 15.13
C VAL B 13 -6.47 7.92 15.19
N VAL B 14 -5.84 8.00 16.35
CA VAL B 14 -4.71 7.18 16.60
C VAL B 14 -5.11 6.12 17.63
N SER B 15 -4.72 4.88 17.39
CA SER B 15 -4.92 3.79 18.35
C SER B 15 -3.58 3.12 18.48
N SER B 16 -2.99 3.17 19.67
CA SER B 16 -1.61 2.69 19.85
C SER B 16 -1.49 1.78 21.06
N THR B 17 -0.79 0.66 20.88
CA THR B 17 -0.39 -0.15 22.02
C THR B 17 1.13 -0.33 22.15
N ASN B 18 1.67 0.05 23.31
CA ASN B 18 3.08 -0.01 23.59
C ASN B 18 3.34 -1.00 24.71
N THR B 19 4.52 -1.63 24.71
CA THR B 19 4.77 -2.64 25.70
C THR B 19 6.24 -2.91 26.02
N LEU B 20 6.46 -3.52 27.17
CA LEU B 20 7.72 -4.14 27.57
C LEU B 20 7.61 -5.68 27.57
N SER B 21 6.42 -6.22 27.39
CA SER B 21 6.19 -7.68 27.31
C SER B 21 6.11 -8.50 28.60
N ASN B 22 6.33 -7.89 29.71
CA ASN B 22 6.04 -8.42 31.01
C ASN B 22 6.10 -7.13 31.73
N PHE B 23 5.53 -7.08 32.91
CA PHE B 23 5.62 -5.86 33.67
C PHE B 23 7.08 -5.62 34.02
N PHE B 24 7.54 -4.37 33.92
CA PHE B 24 8.97 -4.03 33.93
C PHE B 24 9.85 -4.92 33.04
N GLY B 25 9.35 -5.39 31.90
CA GLY B 25 10.14 -6.25 31.04
C GLY B 25 10.86 -7.41 31.74
N THR B 26 12.13 -7.57 31.43
CA THR B 26 13.02 -8.47 32.17
C THR B 26 13.31 -7.98 33.56
N GLY B 27 13.05 -6.71 33.82
CA GLY B 27 13.41 -6.09 35.09
C GLY B 27 14.82 -5.57 35.08
N LYS B 28 15.60 -5.92 34.05
CA LYS B 28 16.92 -5.34 33.90
C LYS B 28 16.74 -3.85 33.63
N TYR B 29 17.66 -3.05 34.14
CA TYR B 29 17.45 -1.61 34.23
C TYR B 29 18.75 -0.87 34.01
N THR B 30 18.75 0.05 33.06
CA THR B 30 19.92 0.85 32.82
C THR B 30 19.50 2.23 32.29
N ALA B 31 20.36 3.23 32.52
CA ALA B 31 20.11 4.58 31.96
C ALA B 31 18.69 5.06 32.31
N GLY B 32 18.19 4.62 33.46
CA GLY B 32 16.92 5.08 33.99
C GLY B 32 15.69 4.38 33.47
N PHE B 33 15.88 3.30 32.74
CA PHE B 33 14.71 2.59 32.19
C PHE B 33 14.85 1.08 32.24
N PHE B 34 13.70 0.39 32.16
CA PHE B 34 13.59 -1.04 32.17
C PHE B 34 13.65 -1.60 30.75
N LEU B 35 14.40 -2.69 30.57
CA LEU B 35 14.52 -3.37 29.27
C LEU B 35 13.49 -4.47 29.07
N ASN B 36 12.84 -4.46 27.91
CA ASN B 36 11.86 -5.42 27.52
C ASN B 36 12.36 -6.86 27.64
N ASN B 37 11.43 -7.79 27.81
CA ASN B 37 11.72 -9.18 27.47
C ASN B 37 11.10 -9.44 26.11
N GLN B 38 11.72 -10.29 25.30
CA GLN B 38 11.22 -10.58 23.99
C GLN B 38 10.73 -12.02 24.00
N LEU B 39 9.46 -12.21 23.68
CA LEU B 39 8.91 -13.57 23.60
C LEU B 39 9.46 -14.20 22.33
N GLN B 40 9.79 -15.50 22.41
CA GLN B 40 10.31 -16.25 21.27
C GLN B 40 9.18 -16.86 20.42
N ASN B 41 8.16 -16.03 20.19
CA ASN B 41 6.92 -16.42 19.54
C ASN B 41 7.09 -16.47 18.03
N PRO B 52 17.86 -13.09 14.04
CA PRO B 52 18.41 -11.74 13.85
C PRO B 52 17.27 -10.69 13.97
N GLY B 53 17.30 -9.61 13.18
CA GLY B 53 16.28 -8.53 13.28
C GLY B 53 14.82 -8.91 13.02
N LYS B 54 14.40 -10.02 13.60
CA LYS B 54 13.06 -10.51 13.46
C LYS B 54 12.23 -9.93 14.61
N ARG B 55 10.95 -9.70 14.33
CA ARG B 55 9.98 -9.37 15.37
C ARG B 55 9.18 -10.61 15.70
N SER B 56 8.91 -10.82 16.98
CA SER B 56 8.08 -11.95 17.38
C SER B 56 6.59 -11.63 17.22
N ARG B 57 5.77 -12.68 17.18
CA ARG B 57 4.34 -12.49 17.05
C ARG B 57 3.75 -11.91 18.34
N THR B 58 2.77 -11.01 18.22
CA THR B 58 2.09 -10.44 19.38
C THR B 58 0.60 -10.43 19.14
N PHE B 59 -0.14 -10.57 20.20
CA PHE B 59 -1.55 -10.54 20.13
C PHE B 59 -2.12 -9.13 20.23
N MSE B 60 -1.27 -8.14 20.43
CA MSE B 60 -1.69 -6.73 20.40
C MSE B 60 -2.43 -6.41 19.09
O MSE B 60 -2.03 -6.86 18.02
CB MSE B 60 -0.48 -5.80 20.54
CG MSE B 60 0.18 -5.80 21.93
SE MSE B 60 1.58 -4.45 22.02
CE MSE B 60 3.01 -5.32 20.98
N ALA B 61 -3.48 -5.63 19.20
CA ALA B 61 -4.34 -5.34 18.08
C ALA B 61 -5.05 -3.97 18.12
N PRO B 62 -4.30 -2.89 18.03
CA PRO B 62 -4.92 -1.56 17.96
C PRO B 62 -5.82 -1.53 16.72
N THR B 63 -7.01 -0.96 16.89
CA THR B 63 -8.10 -1.12 15.94
C THR B 63 -8.90 0.20 15.84
N VAL B 64 -9.42 0.48 14.64
CA VAL B 64 -10.35 1.58 14.40
C VAL B 64 -11.50 1.00 13.57
N LEU B 65 -12.71 1.39 13.93
CA LEU B 65 -13.93 1.03 13.20
C LEU B 65 -14.61 2.29 12.72
N LYS B 66 -15.03 2.33 11.46
CA LYS B 66 -15.70 3.52 10.94
C LYS B 66 -16.89 3.16 10.07
N LYS B 67 -17.97 3.90 10.30
CA LYS B 67 -19.21 3.87 9.52
C LYS B 67 -19.60 5.29 9.28
N ASP B 68 -20.52 5.51 8.34
CA ASP B 68 -21.15 6.81 8.26
C ASP B 68 -21.74 7.10 9.64
N GLY B 69 -21.43 8.26 10.20
CA GLY B 69 -22.03 8.60 11.47
C GLY B 69 -21.27 8.17 12.73
N GLU B 70 -20.27 7.29 12.62
CA GLU B 70 -19.56 6.85 13.83
C GLU B 70 -18.11 6.42 13.61
N THR B 71 -17.22 6.85 14.50
CA THR B 71 -15.82 6.40 14.47
C THR B 71 -15.45 5.88 15.83
N ILE B 72 -14.85 4.70 15.88
CA ILE B 72 -14.40 4.09 17.13
C ILE B 72 -12.92 3.76 17.05
N GLY B 73 -12.16 4.17 18.08
CA GLY B 73 -10.76 3.73 18.28
C GLY B 73 -10.72 2.90 19.55
N ILE B 74 -10.06 1.75 19.53
CA ILE B 74 -10.17 0.81 20.64
C ILE B 74 -8.94 -0.08 20.65
N GLY B 75 -8.61 -0.55 21.86
CA GLY B 75 -7.55 -1.54 22.04
C GLY B 75 -7.44 -1.92 23.48
N SER B 76 -6.52 -2.85 23.75
CA SER B 76 -6.32 -3.38 25.11
C SER B 76 -4.97 -4.05 25.28
N PRO B 77 -4.40 -3.98 26.49
CA PRO B 77 -3.39 -4.91 26.89
C PRO B 77 -4.00 -6.29 27.25
N GLY B 78 -3.16 -7.24 27.66
CA GLY B 78 -3.63 -8.59 28.01
C GLY B 78 -3.04 -9.76 27.24
N GLY B 79 -1.90 -9.57 26.57
CA GLY B 79 -1.14 -10.69 26.02
C GLY B 79 -1.93 -11.55 25.08
N ASN B 80 -1.84 -12.87 25.24
CA ASN B 80 -2.57 -13.77 24.34
C ASN B 80 -4.09 -13.80 24.51
N ARG B 81 -4.61 -12.98 25.43
CA ARG B 81 -6.06 -12.88 25.70
C ARG B 81 -6.71 -11.72 24.95
N ILE B 82 -5.90 -10.84 24.36
CA ILE B 82 -6.39 -9.58 23.82
C ILE B 82 -7.63 -9.72 22.96
N PRO B 83 -7.56 -10.55 21.90
CA PRO B 83 -8.77 -10.66 21.06
C PRO B 83 -9.94 -11.37 21.73
N GLN B 84 -9.65 -12.21 22.72
CA GLN B 84 -10.73 -12.77 23.58
C GLN B 84 -11.39 -11.75 24.46
N ILE B 85 -10.63 -10.73 24.86
CA ILE B 85 -11.16 -9.63 25.61
C ILE B 85 -12.02 -8.73 24.73
N LEU B 86 -11.48 -8.35 23.55
CA LEU B 86 -12.14 -7.38 22.70
C LEU B 86 -13.39 -7.89 21.97
N THR B 87 -13.42 -9.18 21.62
CA THR B 87 -14.51 -9.68 20.75
C THR B 87 -15.90 -9.60 21.40
N PRO B 88 -16.08 -10.14 22.62
CA PRO B 88 -17.38 -10.00 23.27
C PRO B 88 -17.76 -8.51 23.55
N ILE B 89 -16.76 -7.68 23.79
CA ILE B 89 -17.04 -6.26 24.01
C ILE B 89 -17.66 -5.62 22.77
N LEU B 90 -16.97 -5.73 21.64
CA LEU B 90 -17.45 -5.21 20.34
C LEU B 90 -18.75 -5.91 19.86
N ASP B 91 -18.88 -7.21 20.12
CA ASP B 91 -20.10 -7.99 19.79
C ASP B 91 -21.31 -7.40 20.50
N LYS B 92 -21.20 -7.20 21.81
CA LYS B 92 -22.30 -6.59 22.56
C LYS B 92 -22.58 -5.13 22.14
N TYR B 93 -21.53 -4.38 21.85
CA TYR B 93 -21.69 -2.97 21.52
C TYR B 93 -22.45 -2.81 20.21
N THR B 94 -22.07 -3.58 19.20
CA THR B 94 -22.60 -3.40 17.87
C THR B 94 -23.99 -3.97 17.73
N HIS B 95 -24.33 -4.91 18.61
CA HIS B 95 -25.67 -5.48 18.69
C HIS B 95 -26.61 -4.74 19.67
N GLY B 96 -26.14 -3.62 20.24
CA GLY B 96 -27.04 -2.66 20.95
C GLY B 96 -27.24 -2.87 22.44
N LYS B 97 -26.32 -3.59 23.08
CA LYS B 97 -26.55 -4.07 24.43
C LYS B 97 -26.43 -2.96 25.47
N GLY B 98 -25.75 -1.88 25.13
CA GLY B 98 -25.56 -0.78 26.05
C GLY B 98 -24.37 0.09 25.67
N SER B 99 -24.00 0.97 26.60
CA SER B 99 -22.91 1.89 26.40
C SER B 99 -21.65 1.06 26.37
N LEU B 100 -20.68 1.51 25.59
CA LEU B 100 -19.37 0.87 25.54
C LEU B 100 -18.76 0.78 26.95
N GLN B 101 -18.95 1.79 27.77
CA GLN B 101 -18.38 1.77 29.12
C GLN B 101 -19.01 0.67 30.02
N ASP B 102 -20.34 0.55 30.01
CA ASP B 102 -21.02 -0.53 30.76
C ASP B 102 -20.49 -1.91 30.33
N ILE B 103 -20.43 -2.14 29.03
CA ILE B 103 -19.90 -3.39 28.48
C ILE B 103 -18.47 -3.68 28.96
N ILE B 104 -17.62 -2.66 28.91
CA ILE B 104 -16.24 -2.76 29.43
C ILE B 104 -16.18 -3.11 30.92
N ASN B 105 -17.14 -2.59 31.69
CA ASN B 105 -17.22 -2.86 33.13
C ASN B 105 -17.64 -4.31 33.47
N GLU B 106 -18.32 -4.97 32.54
CA GLU B 106 -18.89 -6.29 32.75
C GLU B 106 -17.73 -7.24 33.05
N TYR B 107 -17.96 -8.22 33.92
CA TYR B 107 -16.93 -9.22 34.22
C TYR B 107 -16.64 -10.08 32.96
N ARG B 108 -15.40 -10.52 32.86
CA ARG B 108 -14.92 -11.15 31.64
C ARG B 108 -14.57 -12.62 31.84
N PHE B 109 -14.39 -13.31 30.71
CA PHE B 109 -13.88 -14.68 30.68
C PHE B 109 -12.99 -14.89 29.47
N THR B 110 -11.99 -15.75 29.62
CA THR B 110 -11.15 -16.17 28.50
C THR B 110 -10.89 -17.69 28.59
N PHE B 111 -10.39 -18.25 27.50
CA PHE B 111 -10.14 -19.69 27.42
C PHE B 111 -8.68 -19.99 27.10
N GLU B 112 -8.18 -21.04 27.71
CA GLU B 112 -6.84 -21.50 27.52
C GLU B 112 -6.95 -23.02 27.46
N LYS B 113 -6.68 -23.58 26.30
CA LYS B 113 -6.95 -24.97 26.09
C LYS B 113 -8.33 -25.25 26.62
N ASN B 114 -8.46 -26.28 27.45
CA ASN B 114 -9.75 -26.67 27.95
C ASN B 114 -10.28 -25.92 29.17
N THR B 115 -9.56 -24.93 29.67
CA THR B 115 -9.96 -24.15 30.85
C THR B 115 -10.67 -22.84 30.46
N ALA B 116 -11.68 -22.46 31.24
CA ALA B 116 -12.31 -21.17 31.12
C ALA B 116 -11.89 -20.35 32.34
N TYR B 117 -11.14 -19.27 32.10
CA TYR B 117 -10.75 -18.37 33.16
C TYR B 117 -11.85 -17.35 33.30
N THR B 118 -12.24 -17.07 34.54
CA THR B 118 -13.43 -16.29 34.81
C THR B 118 -13.05 -15.23 35.83
N GLU B 119 -13.56 -14.02 35.66
CA GLU B 119 -13.20 -12.91 36.53
C GLU B 119 -13.96 -12.94 37.86
N ILE B 120 -15.19 -13.48 37.83
CA ILE B 120 -15.97 -13.74 39.05
C ILE B 120 -16.22 -15.24 39.23
N GLN B 121 -16.68 -15.54 40.49
CA GLN B 121 -17.16 -16.86 40.84
C GLN B 121 -18.46 -17.15 40.11
N LEU B 122 -18.41 -18.13 39.18
CA LEU B 122 -19.63 -18.59 38.51
C LEU B 122 -20.45 -19.59 39.35
N SER B 123 -21.74 -19.67 39.06
CA SER B 123 -22.65 -20.59 39.73
C SER B 123 -22.29 -22.05 39.43
N SER B 124 -22.70 -22.95 40.33
CA SER B 124 -22.62 -24.38 40.07
C SER B 124 -23.47 -24.73 38.86
N GLU B 125 -24.57 -24.00 38.71
CA GLU B 125 -25.48 -24.12 37.56
C GLU B 125 -24.76 -24.00 36.20
N VAL B 126 -24.04 -22.89 35.99
CA VAL B 126 -23.35 -22.67 34.72
C VAL B 126 -22.06 -23.49 34.65
N LYS B 127 -21.38 -23.65 35.78
CA LYS B 127 -20.17 -24.47 35.84
C LYS B 127 -20.42 -25.87 35.29
N ASN B 128 -21.51 -26.51 35.73
CA ASN B 128 -21.85 -27.86 35.29
C ASN B 128 -22.22 -27.96 33.80
N GLU B 129 -22.89 -26.94 33.27
CA GLU B 129 -23.13 -26.87 31.82
C GLU B 129 -21.81 -26.89 31.05
N LEU B 130 -20.84 -26.13 31.55
CA LEU B 130 -19.51 -26.07 30.93
C LEU B 130 -18.75 -27.36 31.20
N SER B 131 -18.95 -27.97 32.37
CA SER B 131 -18.25 -29.22 32.75
C SER B 131 -18.51 -30.38 31.81
N ARG B 132 -19.74 -30.50 31.32
CA ARG B 132 -20.07 -31.55 30.35
C ARG B 132 -19.84 -31.11 28.92
N LYS B 133 -19.22 -29.95 28.73
CA LYS B 133 -18.96 -29.42 27.38
C LYS B 133 -17.67 -29.83 26.66
N GLY B 134 -16.56 -30.17 27.32
CA GLY B 134 -16.38 -30.14 28.77
C GLY B 134 -15.25 -29.21 29.15
N LEU B 135 -15.57 -27.94 29.34
CA LEU B 135 -14.62 -26.93 29.80
C LEU B 135 -14.62 -26.94 31.31
N ASN B 136 -13.44 -26.82 31.93
CA ASN B 136 -13.41 -26.58 33.37
C ASN B 136 -13.15 -25.10 33.64
N VAL B 137 -13.49 -24.65 34.85
CA VAL B 137 -13.59 -23.23 35.14
C VAL B 137 -12.74 -22.84 36.34
N LYS B 138 -12.00 -21.74 36.21
CA LYS B 138 -11.08 -21.28 37.26
C LYS B 138 -11.10 -19.76 37.33
N LYS B 139 -11.40 -19.23 38.51
CA LYS B 139 -11.43 -17.79 38.76
C LYS B 139 -10.03 -17.19 38.90
N LYS B 140 -9.74 -16.18 38.09
CA LYS B 140 -8.46 -15.46 38.16
C LYS B 140 -8.57 -14.22 39.03
N VAL B 141 -7.58 -14.04 39.90
CA VAL B 141 -7.67 -13.07 40.99
C VAL B 141 -7.00 -11.72 40.65
N SER B 142 -6.38 -11.63 39.47
CA SER B 142 -5.74 -10.39 39.05
C SER B 142 -6.66 -9.66 38.06
N PRO B 143 -7.17 -8.47 38.43
CA PRO B 143 -7.91 -7.60 37.49
C PRO B 143 -7.16 -7.36 36.17
N ALA B 144 -5.86 -7.06 36.26
CA ALA B 144 -5.02 -6.84 35.08
C ALA B 144 -5.00 -8.03 34.08
N PHE B 145 -5.29 -9.25 34.57
CA PHE B 145 -5.32 -10.44 33.73
C PHE B 145 -6.33 -10.29 32.59
N PHE B 146 -7.44 -9.64 32.86
CA PHE B 146 -8.51 -9.55 31.87
C PHE B 146 -8.44 -8.27 31.05
N GLY B 147 -7.31 -7.57 31.15
CA GLY B 147 -6.97 -6.49 30.20
C GLY B 147 -7.19 -5.10 30.71
N GLY B 148 -7.43 -4.17 29.79
CA GLY B 148 -7.50 -2.73 30.09
C GLY B 148 -7.94 -1.97 28.86
N VAL B 149 -9.21 -2.15 28.52
CA VAL B 149 -9.76 -1.65 27.24
C VAL B 149 -9.91 -0.12 27.34
N GLN B 150 -9.37 0.58 26.35
CA GLN B 150 -9.46 2.02 26.24
C GLN B 150 -10.02 2.34 24.86
N ALA B 151 -10.94 3.29 24.80
CA ALA B 151 -11.63 3.60 23.54
C ALA B 151 -12.07 5.08 23.50
N LEU B 152 -12.18 5.61 22.29
CA LEU B 152 -12.94 6.84 22.02
C LEU B 152 -13.94 6.55 20.92
N ILE B 153 -15.07 7.23 20.97
CA ILE B 153 -16.08 7.14 19.95
C ILE B 153 -16.41 8.55 19.51
N LYS B 154 -16.34 8.81 18.20
CA LYS B 154 -16.82 10.08 17.65
C LYS B 154 -18.17 9.87 16.97
N ASP B 155 -19.16 10.62 17.39
CA ASP B 155 -20.42 10.74 16.66
C ASP B 155 -20.19 11.68 15.54
N GLU B 156 -20.18 11.17 14.32
CA GLU B 156 -19.74 11.98 13.24
C GLU B 156 -20.88 12.87 12.74
N ARG B 157 -22.10 12.56 13.06
CA ARG B 157 -23.16 13.42 12.61
C ARG B 157 -23.07 14.71 13.35
N ASP B 158 -23.15 14.60 14.66
CA ASP B 158 -23.32 15.67 15.59
C ASP B 158 -22.00 16.20 16.07
N ASN B 159 -20.99 15.46 15.75
CA ASN B 159 -19.68 15.88 16.07
C ASN B 159 -19.39 16.00 17.53
N VAL B 160 -19.54 14.89 18.24
CA VAL B 160 -19.19 14.82 19.65
C VAL B 160 -18.36 13.59 19.91
N ILE B 161 -17.42 13.70 20.81
CA ILE B 161 -16.51 12.60 21.18
C ILE B 161 -16.81 12.14 22.59
N THR B 162 -17.04 10.84 22.74
CA THR B 162 -17.13 10.23 24.05
C THR B 162 -16.07 9.10 24.08
N GLY B 163 -16.02 8.41 25.20
CA GLY B 163 -14.96 7.41 25.39
C GLY B 163 -15.29 6.46 26.50
N ALA B 164 -14.33 5.57 26.75
CA ALA B 164 -14.41 4.62 27.83
C ALA B 164 -13.02 4.27 28.28
N GLY B 165 -12.89 3.99 29.56
CA GLY B 165 -11.62 3.57 30.14
C GLY B 165 -11.88 2.35 31.02
N ASP B 166 -10.87 1.53 31.23
CA ASP B 166 -11.03 0.31 32.01
C ASP B 166 -10.53 0.53 33.46
N GLY B 167 -11.45 0.51 34.41
CA GLY B 167 -11.11 0.57 35.85
C GLY B 167 -10.11 -0.48 36.33
N ARG B 168 -10.01 -1.60 35.62
CA ARG B 168 -8.98 -2.57 35.98
C ARG B 168 -7.57 -2.00 35.98
N ARG B 169 -7.32 -0.94 35.20
N ARG B 169 -7.34 -0.94 35.22
CA ARG B 169 -6.01 -0.28 35.01
CA ARG B 169 -6.05 -0.30 35.04
C ARG B 169 -6.08 1.20 35.40
C ARG B 169 -6.19 1.21 35.23
N ASN B 170 -7.16 1.61 36.08
CA ASN B 170 -7.45 3.03 36.31
C ASN B 170 -7.53 3.86 35.04
N GLY B 171 -8.07 3.24 33.97
CA GLY B 171 -8.27 3.91 32.73
C GLY B 171 -9.32 4.99 32.82
N THR B 172 -9.08 6.06 32.09
CA THR B 172 -9.99 7.20 32.04
C THR B 172 -9.95 7.80 30.63
N TRP B 173 -10.83 8.76 30.41
CA TRP B 173 -10.84 9.47 29.16
C TRP B 173 -11.41 10.87 29.37
N LYS B 174 -11.11 11.73 28.40
CA LYS B 174 -11.56 13.11 28.39
C LYS B 174 -11.79 13.55 26.97
N SER B 175 -12.73 14.49 26.83
CA SER B 175 -12.90 15.18 25.57
C SER B 175 -13.22 16.62 25.86
N ASN B 176 -13.24 17.43 24.80
CA ASN B 176 -13.26 18.87 25.00
C ASN B 176 -14.63 19.42 25.38
N LYS C 18 -13.59 -19.59 -9.48
CA LYS C 18 -12.21 -19.94 -10.01
C LYS C 18 -11.03 -18.97 -9.72
N GLY C 19 -11.13 -17.66 -9.98
CA GLY C 19 -12.35 -16.97 -10.36
C GLY C 19 -12.20 -15.92 -11.47
N THR C 20 -11.53 -14.81 -11.18
CA THR C 20 -11.67 -13.56 -11.94
C THR C 20 -10.40 -13.10 -12.71
N TYR C 21 -10.58 -12.69 -13.96
CA TYR C 21 -9.48 -12.14 -14.77
C TYR C 21 -10.02 -11.29 -15.93
N GLY C 22 -9.12 -10.55 -16.54
CA GLY C 22 -9.52 -9.61 -17.59
C GLY C 22 -8.36 -9.10 -18.41
N VAL C 23 -8.70 -8.64 -19.61
CA VAL C 23 -7.73 -7.97 -20.52
C VAL C 23 -8.36 -6.72 -21.12
N SER C 24 -7.57 -5.64 -21.17
CA SER C 24 -7.88 -4.43 -21.95
C SER C 24 -6.76 -4.11 -22.93
N ALA C 25 -7.10 -3.95 -24.21
CA ALA C 25 -6.09 -3.72 -25.26
C ALA C 25 -6.75 -3.12 -26.51
N SER C 26 -5.92 -2.68 -27.45
CA SER C 26 -6.35 -1.86 -28.56
C SER C 26 -6.61 -2.64 -29.85
N HIS C 27 -6.66 -3.96 -29.72
CA HIS C 27 -7.17 -4.78 -30.83
C HIS C 27 -7.97 -5.94 -30.27
N PRO C 28 -9.19 -6.18 -30.83
CA PRO C 28 -10.02 -7.20 -30.27
C PRO C 28 -9.41 -8.62 -30.30
N LEU C 29 -8.53 -8.92 -31.25
CA LEU C 29 -7.90 -10.24 -31.35
C LEU C 29 -6.88 -10.43 -30.24
N ALA C 30 -6.24 -9.33 -29.80
CA ALA C 30 -5.36 -9.33 -28.65
C ALA C 30 -6.18 -9.56 -27.35
N VAL C 31 -7.32 -8.90 -27.20
CA VAL C 31 -8.20 -9.18 -26.06
C VAL C 31 -8.62 -10.66 -26.03
N GLU C 32 -8.98 -11.18 -27.18
CA GLU C 32 -9.51 -12.53 -27.34
C GLU C 32 -8.46 -13.57 -26.95
N GLU C 33 -7.24 -13.39 -27.46
CA GLU C 33 -6.18 -14.33 -27.13
C GLU C 33 -5.69 -14.25 -25.69
N GLY C 34 -5.62 -13.06 -25.13
CA GLY C 34 -5.24 -12.91 -23.72
C GLY C 34 -6.27 -13.61 -22.82
N MSE C 35 -7.60 -13.45 -23.16
CA MSE C 35 -8.69 -14.06 -22.40
C MSE C 35 -8.62 -15.59 -22.47
O MSE C 35 -8.81 -16.27 -21.47
CB MSE C 35 -10.06 -13.59 -22.90
CG MSE C 35 -10.46 -12.17 -22.48
SE MSE C 35 -10.55 -11.90 -20.58
CE MSE C 35 -12.11 -13.00 -20.17
N LYS C 36 -8.33 -16.10 -23.65
CA LYS C 36 -8.17 -17.53 -23.85
C LYS C 36 -7.02 -18.12 -23.03
N VAL C 37 -5.85 -17.51 -23.08
CA VAL C 37 -4.72 -17.91 -22.20
C VAL C 37 -5.16 -17.99 -20.75
N LEU C 38 -5.80 -16.92 -20.26
CA LEU C 38 -6.21 -16.83 -18.89
C LEU C 38 -7.28 -17.88 -18.62
N LYS C 39 -8.27 -18.00 -19.50
CA LYS C 39 -9.33 -19.04 -19.34
C LYS C 39 -8.69 -20.40 -19.04
N ASN C 40 -7.66 -20.75 -19.80
CA ASN C 40 -7.04 -22.06 -19.71
C ASN C 40 -5.92 -22.13 -18.67
N GLY C 41 -5.93 -21.24 -17.68
CA GLY C 41 -4.96 -21.31 -16.57
C GLY C 41 -3.65 -20.56 -16.67
N GLY C 42 -3.51 -19.68 -17.67
CA GLY C 42 -2.35 -18.82 -17.70
C GLY C 42 -2.43 -17.73 -16.67
N SER C 43 -1.26 -17.19 -16.35
CA SER C 43 -1.12 -16.05 -15.45
C SER C 43 -1.20 -14.75 -16.26
N ALA C 44 -1.14 -13.63 -15.55
CA ALA C 44 -1.17 -12.30 -16.13
C ALA C 44 0.05 -12.12 -17.02
N VAL C 45 1.18 -12.70 -16.62
CA VAL C 45 2.44 -12.53 -17.37
C VAL C 45 2.37 -13.37 -18.64
N ASP C 46 1.88 -14.59 -18.53
CA ASP C 46 1.76 -15.46 -19.69
C ASP C 46 0.87 -14.75 -20.69
N ALA C 47 -0.26 -14.25 -20.19
CA ALA C 47 -1.22 -13.51 -21.05
C ALA C 47 -0.56 -12.29 -21.72
N ALA C 48 0.23 -11.56 -20.95
CA ALA C 48 0.94 -10.40 -21.48
C ALA C 48 1.87 -10.72 -22.63
N ILE C 49 2.47 -11.91 -22.60
CA ILE C 49 3.34 -12.38 -23.64
C ILE C 49 2.52 -12.73 -24.89
N VAL C 50 1.44 -13.46 -24.72
CA VAL C 50 0.56 -13.78 -25.85
C VAL C 50 0.07 -12.48 -26.51
N VAL C 51 -0.46 -11.61 -25.68
CA VAL C 51 -1.00 -10.32 -26.14
C VAL C 51 0.05 -9.43 -26.84
N SER C 52 1.23 -9.28 -26.23
CA SER C 52 2.30 -8.55 -26.90
C SER C 52 2.62 -9.04 -28.30
N TYR C 53 2.82 -10.35 -28.41
CA TYR C 53 3.11 -10.97 -29.69
C TYR C 53 1.98 -10.87 -30.71
N VAL C 54 0.75 -11.10 -30.26
CA VAL C 54 -0.45 -10.91 -31.11
C VAL C 54 -0.52 -9.47 -31.65
N LEU C 55 -0.33 -8.48 -30.76
CA LEU C 55 -0.36 -7.08 -31.19
C LEU C 55 0.67 -6.80 -32.28
N GLY C 56 1.84 -7.43 -32.22
CA GLY C 56 2.88 -7.14 -33.15
C GLY C 56 2.55 -7.70 -34.51
N VAL C 57 1.64 -8.67 -34.54
CA VAL C 57 1.14 -9.21 -35.84
C VAL C 57 -0.03 -8.43 -36.39
N VAL C 58 -1.07 -8.27 -35.58
CA VAL C 58 -2.32 -7.70 -36.00
C VAL C 58 -2.45 -6.20 -35.85
N GLU C 59 -1.62 -5.61 -34.99
CA GLU C 59 -1.55 -4.17 -34.82
C GLU C 59 -0.04 -4.01 -35.08
N LEU C 60 0.34 -4.09 -36.34
CA LEU C 60 1.72 -4.02 -36.72
C LEU C 60 2.31 -2.60 -36.88
N HIS C 61 1.46 -1.63 -37.03
CA HIS C 61 1.95 -0.27 -37.17
C HIS C 61 2.40 0.29 -35.85
N ALA C 62 1.90 -0.30 -34.76
CA ALA C 62 2.06 0.28 -33.40
C ALA C 62 3.08 -0.39 -32.53
N SER C 63 3.42 -1.64 -32.78
CA SER C 63 4.45 -2.29 -31.97
C SER C 63 4.83 -3.58 -32.64
N GLY C 64 5.82 -4.25 -32.06
CA GLY C 64 6.17 -5.59 -32.52
C GLY C 64 7.61 -5.95 -32.33
N ILE C 65 8.01 -7.02 -33.01
CA ILE C 65 9.32 -7.61 -32.71
C ILE C 65 10.49 -6.76 -33.18
N GLY C 66 10.23 -5.79 -34.08
CA GLY C 66 11.28 -4.83 -34.49
C GLY C 66 11.41 -3.60 -33.61
N GLY C 67 10.63 -3.56 -32.52
CA GLY C 67 10.68 -2.50 -31.51
C GLY C 67 11.07 -2.94 -30.11
N GLY C 68 10.50 -2.24 -29.13
CA GLY C 68 10.79 -2.42 -27.71
C GLY C 68 9.57 -2.07 -26.87
N GLY C 69 9.77 -1.88 -25.59
CA GLY C 69 8.64 -1.59 -24.76
C GLY C 69 9.07 -1.63 -23.32
N GLY C 70 8.09 -1.51 -22.44
CA GLY C 70 8.30 -1.67 -21.01
C GLY C 70 7.07 -2.27 -20.36
N MSE C 71 7.31 -2.97 -19.24
CA MSE C 71 6.25 -3.71 -18.55
C MSE C 71 6.34 -3.53 -17.04
O MSE C 71 7.39 -3.75 -16.43
CB MSE C 71 6.32 -5.19 -18.90
CG MSE C 71 5.15 -6.03 -18.32
SE MSE C 71 5.07 -7.86 -18.92
CE MSE C 71 5.00 -7.62 -20.84
N LEU C 72 5.21 -3.17 -16.45
CA LEU C 72 5.08 -3.10 -15.02
C LEU C 72 4.32 -4.35 -14.56
N ILE C 73 4.86 -5.09 -13.62
CA ILE C 73 4.22 -6.32 -13.11
C ILE C 73 4.08 -6.15 -11.62
N ILE C 74 2.84 -6.13 -11.12
CA ILE C 74 2.55 -5.92 -9.69
C ILE C 74 1.79 -7.14 -9.20
N SER C 75 2.51 -8.01 -8.49
CA SER C 75 1.93 -9.25 -7.95
C SER C 75 1.72 -9.09 -6.44
N LYS C 76 1.19 -10.13 -5.80
CA LYS C 76 0.91 -10.07 -4.37
C LYS C 76 2.13 -9.62 -3.59
N ASP C 77 3.30 -10.18 -3.89
CA ASP C 77 4.50 -9.85 -3.12
C ASP C 77 5.74 -9.53 -3.96
N LYS C 78 5.58 -8.65 -4.95
CA LYS C 78 6.70 -8.26 -5.77
C LYS C 78 6.28 -7.22 -6.81
N GLU C 79 7.13 -6.22 -7.02
CA GLU C 79 6.88 -5.12 -7.90
C GLU C 79 8.05 -4.93 -8.81
N THR C 80 7.85 -5.09 -10.10
CA THR C 80 8.93 -5.08 -11.06
C THR C 80 8.58 -4.20 -12.27
N PHE C 81 9.59 -3.46 -12.73
CA PHE C 81 9.52 -2.80 -14.02
C PHE C 81 10.64 -3.34 -14.91
N ILE C 82 10.25 -3.87 -16.06
CA ILE C 82 11.20 -4.39 -17.02
C ILE C 82 11.29 -3.44 -18.23
N ASP C 83 12.50 -2.98 -18.51
CA ASP C 83 12.78 -2.06 -19.58
C ASP C 83 13.44 -2.84 -20.71
N TYR C 84 12.67 -3.05 -21.78
CA TYR C 84 13.20 -3.66 -23.01
C TYR C 84 13.11 -2.70 -24.21
N ARG C 85 13.42 -1.43 -23.97
CA ARG C 85 13.65 -0.48 -25.04
C ARG C 85 14.83 -0.86 -25.91
N GLU C 86 14.79 -0.45 -27.17
CA GLU C 86 15.88 -0.68 -28.13
C GLU C 86 17.16 -0.04 -27.66
N THR C 87 18.28 -0.65 -28.00
CA THR C 87 19.56 -0.06 -27.66
C THR C 87 20.14 0.69 -28.85
N THR C 88 20.80 1.80 -28.55
CA THR C 88 21.45 2.61 -29.56
C THR C 88 22.69 1.90 -30.03
N PRO C 89 22.82 1.70 -31.33
CA PRO C 89 23.99 1.02 -31.86
C PRO C 89 25.25 1.90 -31.83
N TYR C 90 26.39 1.33 -32.19
CA TYR C 90 27.63 2.09 -32.24
C TYR C 90 27.56 3.31 -33.17
N PHE C 91 27.04 3.11 -34.37
CA PHE C 91 27.09 4.12 -35.42
C PHE C 91 25.69 4.71 -35.60
N PRO C 97 19.30 6.32 -41.47
CA PRO C 97 18.06 5.91 -40.78
C PRO C 97 18.35 5.43 -39.37
N HIS C 98 17.72 6.04 -38.38
CA HIS C 98 18.12 5.81 -36.99
C HIS C 98 17.33 4.64 -36.41
N ILE C 99 17.94 3.45 -36.40
CA ILE C 99 17.30 2.21 -35.95
C ILE C 99 18.06 1.67 -34.74
N GLY C 100 17.36 1.38 -33.65
CA GLY C 100 17.92 0.73 -32.45
C GLY C 100 17.87 -0.80 -32.58
N VAL C 101 18.75 -1.48 -31.86
CA VAL C 101 18.66 -2.92 -31.74
C VAL C 101 17.31 -3.26 -31.04
N PRO C 102 16.39 -3.98 -31.71
CA PRO C 102 15.11 -4.28 -31.07
C PRO C 102 15.21 -5.06 -29.74
N GLY C 103 14.49 -4.63 -28.72
CA GLY C 103 14.43 -5.29 -27.42
C GLY C 103 13.23 -6.19 -27.12
N PHE C 104 12.23 -6.18 -27.99
CA PHE C 104 10.99 -6.86 -27.74
C PHE C 104 11.14 -8.39 -27.46
N VAL C 105 11.87 -9.10 -28.31
CA VAL C 105 12.05 -10.56 -28.16
C VAL C 105 12.83 -10.89 -26.88
N ALA C 106 13.93 -10.18 -26.65
CA ALA C 106 14.70 -10.36 -25.43
C ALA C 106 13.82 -10.09 -24.21
N GLY C 107 13.01 -9.04 -24.30
CA GLY C 107 12.08 -8.63 -23.22
C GLY C 107 11.15 -9.72 -22.82
N MSE C 108 10.43 -10.24 -23.82
CA MSE C 108 9.45 -11.29 -23.58
C MSE C 108 10.10 -12.55 -23.02
O MSE C 108 9.52 -13.22 -22.14
CB MSE C 108 8.66 -11.61 -24.85
CG MSE C 108 7.85 -10.44 -25.39
SE MSE C 108 6.57 -9.68 -24.11
CE MSE C 108 6.83 -7.82 -24.52
N GLU C 109 11.27 -12.90 -23.49
CA GLU C 109 11.95 -14.09 -22.96
C GLU C 109 12.40 -13.91 -21.52
N TYR C 110 13.02 -12.77 -21.19
CA TYR C 110 13.41 -12.43 -19.84
C TYR C 110 12.19 -12.48 -18.90
N ILE C 111 11.13 -11.81 -19.31
CA ILE C 111 9.92 -11.76 -18.53
C ILE C 111 9.34 -13.17 -18.35
N HIS C 112 9.25 -13.96 -19.40
CA HIS C 112 8.83 -15.32 -19.23
C HIS C 112 9.71 -16.13 -18.24
N ASP C 113 11.03 -16.03 -18.41
CA ASP C 113 11.93 -16.91 -17.70
C ASP C 113 11.94 -16.57 -16.22
N ASN C 114 11.64 -15.32 -15.89
CA ASN C 114 11.72 -14.85 -14.52
C ASN C 114 10.37 -14.64 -13.83
N TYR C 115 9.31 -14.44 -14.61
CA TYR C 115 7.97 -14.11 -14.07
C TYR C 115 6.80 -14.93 -14.62
N GLY C 116 7.06 -15.77 -15.60
CA GLY C 116 5.99 -16.51 -16.29
C GLY C 116 5.67 -17.87 -15.66
N SER C 117 4.77 -18.61 -16.30
CA SER C 117 4.30 -19.89 -15.80
C SER C 117 4.32 -20.98 -16.82
N LEU C 118 3.69 -20.77 -17.96
CA LEU C 118 3.65 -21.78 -18.97
C LEU C 118 4.83 -21.73 -19.91
N PRO C 119 5.10 -22.82 -20.59
CA PRO C 119 6.23 -22.83 -21.55
C PRO C 119 6.11 -21.72 -22.61
N MSE C 120 7.20 -21.17 -23.01
CA MSE C 120 7.24 -20.10 -24.01
C MSE C 120 6.61 -20.48 -25.35
O MSE C 120 5.85 -19.70 -25.91
CB MSE C 120 8.68 -19.64 -24.21
CG MSE C 120 8.81 -18.34 -24.98
SE MSE C 120 7.81 -16.90 -24.13
CE MSE C 120 8.97 -15.46 -24.71
N GLY C 121 6.94 -21.68 -25.89
CA GLY C 121 6.49 -22.07 -27.23
C GLY C 121 4.99 -21.89 -27.50
N GLU C 122 4.18 -22.28 -26.52
CA GLU C 122 2.71 -22.22 -26.72
C GLU C 122 2.19 -20.77 -26.64
N LEU C 123 2.93 -19.92 -25.93
CA LEU C 123 2.58 -18.49 -25.84
C LEU C 123 2.79 -17.73 -27.15
N LEU C 124 3.58 -18.28 -28.09
CA LEU C 124 3.87 -17.64 -29.38
C LEU C 124 2.89 -18.15 -30.44
N GLN C 125 2.21 -19.25 -30.18
CA GLN C 125 1.42 -19.87 -31.22
C GLN C 125 0.24 -19.01 -31.71
N PRO C 126 -0.52 -18.36 -30.82
CA PRO C 126 -1.61 -17.51 -31.34
C PRO C 126 -1.13 -16.49 -32.37
N ALA C 127 0.00 -15.84 -32.08
CA ALA C 127 0.60 -14.85 -32.99
C ALA C 127 1.03 -15.52 -34.29
N ILE C 128 1.68 -16.68 -34.17
CA ILE C 128 2.09 -17.43 -35.35
C ILE C 128 0.86 -17.69 -36.20
N ASN C 129 -0.24 -18.11 -35.57
CA ASN C 129 -1.46 -18.45 -36.33
C ASN C 129 -1.99 -17.26 -37.13
N TYR C 130 -2.08 -16.07 -36.52
CA TYR C 130 -2.48 -14.85 -37.27
C TYR C 130 -1.52 -14.44 -38.36
N ALA C 131 -0.23 -14.69 -38.17
CA ALA C 131 0.77 -14.41 -39.19
C ALA C 131 0.65 -15.36 -40.36
N GLU C 132 0.56 -16.65 -40.04
CA GLU C 132 0.52 -17.73 -41.03
C GLU C 132 -0.77 -17.85 -41.78
N LYS C 133 -1.90 -17.75 -41.08
CA LYS C 133 -3.22 -17.94 -41.72
C LYS C 133 -3.96 -16.63 -41.96
N GLY C 134 -3.49 -15.55 -41.34
CA GLY C 134 -4.02 -14.21 -41.58
C GLY C 134 -5.07 -13.73 -40.59
N PHE C 135 -5.41 -12.46 -40.74
CA PHE C 135 -6.45 -11.80 -39.97
C PHE C 135 -7.06 -10.74 -40.85
N LYS C 136 -8.26 -10.26 -40.45
CA LYS C 136 -9.00 -9.28 -41.25
C LYS C 136 -8.52 -7.89 -40.92
N VAL C 137 -8.08 -7.16 -41.94
CA VAL C 137 -7.64 -5.79 -41.72
C VAL C 137 -8.83 -4.88 -41.38
N ASP C 138 -8.58 -3.87 -40.55
CA ASP C 138 -9.63 -2.91 -40.19
C ASP C 138 -9.28 -1.54 -40.75
N ASP C 139 -10.22 -0.59 -40.64
CA ASP C 139 -10.07 0.76 -41.15
C ASP C 139 -8.80 1.44 -40.70
N SER C 140 -8.41 1.26 -39.44
CA SER C 140 -7.32 2.07 -38.92
C SER C 140 -5.97 1.62 -39.52
N LEU C 141 -5.82 0.32 -39.81
CA LEU C 141 -4.60 -0.17 -40.44
C LEU C 141 -4.52 0.32 -41.88
N THR C 142 -5.62 0.21 -42.61
CA THR C 142 -5.67 0.77 -43.96
C THR C 142 -5.29 2.25 -43.99
N MSE C 143 -5.88 3.02 -43.06
CA MSE C 143 -5.61 4.46 -42.94
C MSE C 143 -4.15 4.75 -42.60
O MSE C 143 -3.55 5.66 -43.14
CB MSE C 143 -6.53 5.08 -41.88
CG MSE C 143 -6.84 6.54 -42.11
SE MSE C 143 -7.12 7.39 -40.39
CE MSE C 143 -5.43 6.77 -39.63
N ARG C 144 -3.55 3.99 -41.64
CA ARG C 144 -2.15 4.16 -41.29
C ARG C 144 -1.24 3.86 -42.49
N LEU C 145 -1.53 2.79 -43.22
CA LEU C 145 -0.79 2.44 -44.43
C LEU C 145 -0.86 3.55 -45.52
N ASP C 146 -2.06 4.08 -45.73
CA ASP C 146 -2.29 5.22 -46.61
C ASP C 146 -1.44 6.44 -46.25
N LEU C 147 -1.48 6.83 -44.99
CA LEU C 147 -0.69 7.96 -44.55
C LEU C 147 0.83 7.75 -44.54
N ALA C 148 1.27 6.53 -44.28
CA ALA C 148 2.69 6.24 -44.25
C ALA C 148 3.27 6.00 -45.65
N LYS C 149 2.42 5.78 -46.64
CA LYS C 149 2.87 5.33 -47.94
C LYS C 149 4.05 6.16 -48.52
N PRO C 150 3.95 7.51 -48.46
CA PRO C 150 5.06 8.31 -49.03
C PRO C 150 6.39 8.04 -48.35
N ARG C 151 6.34 7.79 -47.03
CA ARG C 151 7.55 7.63 -46.26
C ARG C 151 8.12 6.20 -46.38
N ILE C 152 7.26 5.19 -46.55
CA ILE C 152 7.71 3.81 -46.33
C ILE C 152 7.59 2.90 -47.52
N TYR C 153 6.71 3.25 -48.44
CA TYR C 153 6.37 2.32 -49.53
C TYR C 153 7.55 2.05 -50.46
N SER C 154 7.84 0.77 -50.67
CA SER C 154 9.06 0.28 -51.33
C SER C 154 8.69 -1.03 -51.97
N ASP C 155 9.59 -1.58 -52.78
CA ASP C 155 9.29 -2.88 -53.44
C ASP C 155 9.25 -4.08 -52.46
N LYS C 156 9.56 -3.84 -51.20
CA LYS C 156 9.49 -4.87 -50.15
C LYS C 156 8.12 -5.05 -49.48
N LEU C 157 7.22 -4.10 -49.72
CA LEU C 157 6.00 -3.98 -48.94
C LEU C 157 4.72 -4.34 -49.69
N SER C 158 4.86 -5.18 -50.71
CA SER C 158 3.73 -5.55 -51.52
C SER C 158 2.54 -6.13 -50.76
N ILE C 159 2.77 -6.89 -49.70
CA ILE C 159 1.67 -7.54 -49.00
C ILE C 159 0.71 -6.52 -48.35
N PHE C 160 1.28 -5.37 -47.96
CA PHE C 160 0.52 -4.30 -47.33
C PHE C 160 -0.09 -3.36 -48.32
N TYR C 161 0.41 -3.37 -49.55
CA TYR C 161 -0.12 -2.52 -50.59
C TYR C 161 -0.42 -3.33 -51.84
N PRO C 162 -1.41 -4.24 -51.78
CA PRO C 162 -1.69 -5.03 -52.98
C PRO C 162 -2.12 -4.11 -54.10
N ASN C 163 -1.66 -4.42 -55.29
CA ASN C 163 -1.95 -3.59 -56.44
C ASN C 163 -1.62 -2.12 -56.20
N GLY C 164 -0.62 -1.87 -55.35
CA GLY C 164 -0.08 -0.53 -55.11
C GLY C 164 -0.90 0.37 -54.18
N GLU C 165 -1.99 -0.13 -53.64
CA GLU C 165 -2.83 0.64 -52.71
C GLU C 165 -2.89 -0.07 -51.36
N PRO C 166 -3.09 0.69 -50.28
CA PRO C 166 -3.19 0.05 -48.98
C PRO C 166 -4.19 -1.07 -48.98
N ILE C 167 -3.84 -2.17 -48.35
CA ILE C 167 -4.76 -3.28 -48.23
C ILE C 167 -6.06 -2.78 -47.60
N GLU C 168 -7.20 -3.13 -48.19
CA GLU C 168 -8.49 -2.58 -47.73
C GLU C 168 -9.09 -3.29 -46.50
N THR C 169 -9.86 -2.52 -45.72
CA THR C 169 -10.64 -3.06 -44.61
C THR C 169 -11.42 -4.33 -44.99
N GLY C 170 -11.42 -5.32 -44.11
CA GLY C 170 -12.06 -6.59 -44.38
C GLY C 170 -11.30 -7.56 -45.28
N GLU C 171 -10.18 -7.15 -45.87
CA GLU C 171 -9.27 -8.09 -46.51
C GLU C 171 -8.47 -8.85 -45.46
N THR C 172 -8.04 -10.04 -45.85
CA THR C 172 -7.17 -10.92 -45.06
C THR C 172 -5.71 -10.64 -45.36
N LEU C 173 -5.00 -10.27 -44.32
CA LEU C 173 -3.60 -10.01 -44.43
C LEU C 173 -2.82 -11.18 -43.83
N ILE C 174 -2.05 -11.83 -44.69
CA ILE C 174 -1.23 -13.00 -44.37
C ILE C 174 0.24 -12.52 -44.38
N GLN C 175 0.99 -12.88 -43.34
CA GLN C 175 2.40 -12.47 -43.18
C GLN C 175 3.32 -13.67 -43.03
N THR C 176 3.55 -14.34 -44.17
CA THR C 176 4.31 -15.58 -44.21
C THR C 176 5.76 -15.42 -43.75
N ASP C 177 6.42 -14.34 -44.15
CA ASP C 177 7.82 -14.06 -43.72
C ASP C 177 7.92 -13.91 -42.21
N LEU C 178 6.92 -13.24 -41.65
CA LEU C 178 6.88 -12.99 -40.21
C LEU C 178 6.59 -14.31 -39.46
N ALA C 179 5.69 -15.11 -39.98
CA ALA C 179 5.45 -16.44 -39.44
C ALA C 179 6.76 -17.24 -39.34
N ARG C 180 7.54 -17.27 -40.42
CA ARG C 180 8.89 -17.89 -40.43
C ARG C 180 9.74 -17.44 -39.27
N THR C 181 9.84 -16.13 -39.12
CA THR C 181 10.65 -15.57 -38.06
C THR C 181 10.11 -15.95 -36.69
N LEU C 182 8.79 -15.85 -36.47
CA LEU C 182 8.21 -16.16 -35.17
C LEU C 182 8.44 -17.63 -34.80
N LYS C 183 8.33 -18.48 -35.80
CA LYS C 183 8.52 -19.91 -35.61
C LYS C 183 9.99 -20.23 -35.31
N LYS C 184 10.90 -19.38 -35.79
CA LYS C 184 12.29 -19.61 -35.56
C LYS C 184 12.58 -19.25 -34.14
N ILE C 185 11.98 -18.14 -33.67
CA ILE C 185 12.03 -17.73 -32.26
C ILE C 185 11.35 -18.80 -31.38
N GLN C 186 10.19 -19.30 -31.80
CA GLN C 186 9.49 -20.36 -31.04
C GLN C 186 10.39 -21.60 -30.80
N LYS C 187 11.09 -22.00 -31.87
CA LYS C 187 11.96 -23.17 -31.87
C LYS C 187 13.27 -22.94 -31.13
N GLU C 188 13.91 -21.81 -31.46
CA GLU C 188 15.28 -21.54 -30.98
C GLU C 188 15.36 -20.68 -29.76
N GLY C 189 14.30 -19.98 -29.39
CA GLY C 189 14.39 -19.00 -28.32
C GLY C 189 14.85 -17.68 -28.90
N ALA C 190 15.30 -16.78 -28.03
CA ALA C 190 15.78 -15.45 -28.42
C ALA C 190 16.94 -15.48 -29.41
N LYS C 191 17.75 -16.53 -29.40
CA LYS C 191 18.82 -16.66 -30.41
C LYS C 191 18.30 -16.75 -31.83
N GLY C 192 17.02 -17.12 -31.97
CA GLY C 192 16.37 -17.19 -33.27
C GLY C 192 16.22 -15.79 -33.89
N PHE C 193 16.35 -14.77 -33.04
CA PHE C 193 16.24 -13.36 -33.46
C PHE C 193 17.59 -12.64 -33.45
N TYR C 194 18.31 -12.79 -32.34
CA TYR C 194 19.54 -12.01 -32.04
C TYR C 194 20.82 -12.63 -32.62
N GLU C 195 20.69 -13.82 -33.19
CA GLU C 195 21.79 -14.49 -33.90
C GLU C 195 21.25 -15.15 -35.16
N GLY C 196 22.14 -15.75 -35.95
CA GLY C 196 21.72 -16.44 -37.17
C GLY C 196 21.18 -15.53 -38.26
N GLY C 197 20.33 -16.10 -39.09
CA GLY C 197 19.89 -15.45 -40.29
C GLY C 197 19.07 -14.22 -40.04
N VAL C 198 18.23 -14.24 -39.00
CA VAL C 198 17.37 -13.10 -38.73
C VAL C 198 18.27 -11.93 -38.33
N ALA C 199 19.23 -12.19 -37.45
CA ALA C 199 20.27 -11.23 -37.12
C ALA C 199 21.04 -10.70 -38.34
N ARG C 200 21.48 -11.58 -39.23
CA ARG C 200 22.14 -11.09 -40.44
C ARG C 200 21.22 -10.14 -41.25
N ALA C 201 19.92 -10.47 -41.34
CA ALA C 201 18.93 -9.66 -42.05
C ALA C 201 18.83 -8.27 -41.41
N ILE C 202 18.65 -8.26 -40.10
CA ILE C 202 18.63 -6.97 -39.36
C ILE C 202 19.92 -6.19 -39.57
N SER C 203 21.05 -6.86 -39.51
CA SER C 203 22.36 -6.19 -39.70
C SER C 203 22.44 -5.48 -41.04
N LYS C 204 22.02 -6.16 -42.11
CA LYS C 204 22.08 -5.66 -43.48
C LYS C 204 21.11 -4.49 -43.65
N THR C 205 19.88 -4.69 -43.16
CA THR C 205 18.81 -3.70 -43.36
C THR C 205 19.06 -2.45 -42.50
N ALA C 206 19.37 -2.67 -41.23
CA ALA C 206 19.58 -1.56 -40.27
C ALA C 206 20.98 -0.96 -40.18
N LYS C 207 21.99 -1.59 -40.81
CA LYS C 207 23.39 -1.20 -40.63
C LYS C 207 23.84 -1.19 -39.18
N ILE C 208 23.61 -2.32 -38.51
CA ILE C 208 24.00 -2.52 -37.13
C ILE C 208 24.82 -3.81 -37.19
N SER C 209 25.91 -3.86 -36.44
CA SER C 209 26.73 -5.04 -36.38
C SER C 209 26.06 -6.19 -35.67
N LEU C 210 26.53 -7.38 -36.00
CA LEU C 210 26.03 -8.60 -35.38
C LEU C 210 26.36 -8.56 -33.89
N GLU C 211 27.50 -7.95 -33.56
CA GLU C 211 27.90 -7.74 -32.16
C GLU C 211 26.89 -6.91 -31.29
N ASP C 212 26.45 -5.79 -31.84
CA ASP C 212 25.49 -4.91 -31.13
C ASP C 212 24.19 -5.65 -30.87
N ILE C 213 23.74 -6.39 -32.02
CA ILE C 213 22.50 -7.16 -31.97
C ILE C 213 22.58 -8.26 -30.91
N LYS C 214 23.65 -9.04 -30.94
CA LYS C 214 23.79 -10.14 -29.97
C LYS C 214 23.95 -9.67 -28.57
N GLY C 215 24.50 -8.47 -28.42
CA GLY C 215 24.80 -7.88 -27.13
C GLY C 215 23.60 -7.27 -26.44
N TYR C 216 22.45 -7.28 -27.09
CA TYR C 216 21.28 -6.68 -26.45
C TYR C 216 20.98 -7.32 -25.10
N LYS C 217 20.76 -6.49 -24.07
CA LYS C 217 20.22 -6.94 -22.76
C LYS C 217 19.08 -6.03 -22.28
N VAL C 218 18.15 -6.62 -21.54
CA VAL C 218 17.07 -5.93 -20.84
C VAL C 218 17.66 -5.19 -19.65
N GLU C 219 16.88 -4.27 -19.07
CA GLU C 219 17.21 -3.64 -17.78
C GLU C 219 16.05 -3.84 -16.81
N VAL C 220 16.32 -4.44 -15.65
CA VAL C 220 15.30 -4.55 -14.60
C VAL C 220 15.38 -3.30 -13.72
N ARG C 221 14.22 -2.73 -13.38
CA ARG C 221 14.16 -1.48 -12.64
C ARG C 221 13.18 -1.63 -11.48
N LYS C 222 13.42 -0.88 -10.41
CA LYS C 222 12.43 -0.73 -9.34
C LYS C 222 11.34 0.23 -9.82
N PRO C 223 10.09 -0.20 -9.76
CA PRO C 223 9.05 0.79 -9.98
C PRO C 223 9.16 1.98 -9.02
N VAL C 224 8.73 3.14 -9.48
CA VAL C 224 8.49 4.25 -8.60
C VAL C 224 7.27 3.85 -7.75
N LYS C 225 7.36 4.05 -6.44
CA LYS C 225 6.24 3.84 -5.52
C LYS C 225 5.92 5.11 -4.76
N GLY C 226 4.64 5.43 -4.70
CA GLY C 226 4.19 6.58 -3.95
C GLY C 226 2.77 6.30 -3.55
N ASN C 227 2.05 7.37 -3.29
CA ASN C 227 0.65 7.28 -2.91
C ASN C 227 -0.14 8.48 -3.39
N TYR C 228 -1.45 8.30 -3.48
CA TYR C 228 -2.32 9.25 -4.12
C TYR C 228 -3.76 8.82 -3.85
N MSE C 229 -4.58 9.68 -3.28
CA MSE C 229 -6.00 9.42 -3.02
C MSE C 229 -6.28 8.14 -2.24
O MSE C 229 -7.32 7.49 -2.44
CB MSE C 229 -6.81 9.45 -4.32
CG MSE C 229 -7.04 10.84 -4.82
SE MSE C 229 -8.11 11.87 -3.55
CE MSE C 229 -8.04 13.55 -4.43
N GLY C 230 -5.35 7.79 -1.37
CA GLY C 230 -5.57 6.54 -0.66
C GLY C 230 -4.99 5.32 -1.31
N TYR C 231 -4.53 5.44 -2.56
CA TYR C 231 -3.92 4.32 -3.26
C TYR C 231 -2.40 4.31 -3.08
N ASP C 232 -1.83 3.11 -3.00
CA ASP C 232 -0.42 2.89 -3.32
C ASP C 232 -0.31 2.95 -4.86
N VAL C 233 0.65 3.71 -5.36
CA VAL C 233 0.83 3.90 -6.81
C VAL C 233 2.23 3.40 -7.16
N TYR C 234 2.25 2.51 -8.14
CA TYR C 234 3.46 1.97 -8.76
C TYR C 234 3.47 2.49 -10.21
N THR C 235 4.60 3.00 -10.68
CA THR C 235 4.66 3.56 -12.03
C THR C 235 6.07 3.49 -12.60
N ALA C 236 6.20 3.82 -13.88
CA ALA C 236 7.44 3.68 -14.63
C ALA C 236 8.48 4.67 -14.11
N PRO C 237 9.70 4.20 -13.82
CA PRO C 237 10.77 5.08 -13.31
C PRO C 237 11.45 5.92 -14.42
N PRO C 238 12.19 6.98 -14.03
CA PRO C 238 12.97 7.75 -14.96
C PRO C 238 13.80 6.82 -15.82
N PRO C 239 13.91 7.11 -17.13
CA PRO C 239 13.56 8.33 -17.83
C PRO C 239 12.09 8.42 -18.30
N PHE C 240 11.26 7.48 -17.85
CA PHE C 240 9.81 7.55 -18.14
C PHE C 240 9.10 8.57 -17.27
N SER C 241 7.82 8.82 -17.53
CA SER C 241 7.12 9.97 -16.95
C SER C 241 6.20 9.64 -15.80
N GLY C 242 6.40 8.50 -15.19
CA GLY C 242 5.61 8.09 -14.03
C GLY C 242 5.81 9.02 -12.85
N VAL C 243 7.03 9.48 -12.64
CA VAL C 243 7.31 10.53 -11.64
C VAL C 243 6.48 11.78 -11.92
N THR C 244 6.54 12.26 -13.16
CA THR C 244 5.74 13.42 -13.60
C THR C 244 4.24 13.19 -13.42
N LEU C 245 3.77 12.02 -13.80
CA LEU C 245 2.35 11.69 -13.62
C LEU C 245 1.94 11.73 -12.14
N LEU C 246 2.75 11.09 -11.27
CA LEU C 246 2.40 10.98 -9.86
C LEU C 246 2.41 12.36 -9.23
N GLN C 247 3.32 13.22 -9.64
CA GLN C 247 3.41 14.57 -9.13
C GLN C 247 2.17 15.34 -9.49
N MSE C 248 1.88 15.34 -10.74
CA MSE C 248 0.67 16.00 -11.24
C MSE C 248 -0.60 15.53 -10.55
O MSE C 248 -1.44 16.35 -10.18
CB MSE C 248 0.55 15.82 -12.75
CG MSE C 248 1.50 16.69 -13.54
SE MSE C 248 1.24 16.54 -15.44
CE MSE C 248 -0.56 17.26 -15.59
N LEU C 249 -0.73 14.24 -10.38
CA LEU C 249 -1.89 13.66 -9.67
C LEU C 249 -1.95 14.19 -8.21
N LYS C 250 -0.81 14.08 -7.54
CA LYS C 250 -0.67 14.48 -6.14
C LYS C 250 -0.90 15.96 -5.98
N LEU C 251 -0.38 16.76 -6.91
CA LEU C 251 -0.69 18.19 -6.92
C LEU C 251 -2.16 18.43 -7.16
N ALA C 252 -2.80 17.67 -8.05
CA ALA C 252 -4.24 17.78 -8.28
C ALA C 252 -5.05 17.51 -7.00
N GLU C 253 -4.68 16.46 -6.25
CA GLU C 253 -5.29 16.12 -4.95
C GLU C 253 -5.14 17.29 -3.99
N LYS C 254 -3.89 17.69 -3.76
CA LYS C 254 -3.55 18.71 -2.76
C LYS C 254 -4.18 20.07 -3.08
N LYS C 255 -4.26 20.42 -4.34
CA LYS C 255 -4.82 21.66 -4.74
C LYS C 255 -6.32 21.53 -5.09
N GLU C 256 -6.91 20.41 -4.73
CA GLU C 256 -8.31 20.13 -4.95
C GLU C 256 -8.96 20.75 -6.17
N VAL C 257 -8.34 20.55 -7.32
CA VAL C 257 -8.86 21.07 -8.57
C VAL C 257 -10.15 20.43 -9.03
N TYR C 258 -10.47 19.26 -8.51
CA TYR C 258 -11.74 18.60 -8.85
C TYR C 258 -12.94 19.47 -8.48
N LYS C 259 -12.84 20.22 -7.38
CA LYS C 259 -13.86 21.22 -7.02
C LYS C 259 -14.27 22.08 -8.21
N ASP C 260 -13.34 22.33 -9.12
CA ASP C 260 -13.55 23.24 -10.25
C ASP C 260 -13.92 22.53 -11.56
N VAL C 261 -14.22 21.23 -11.49
CA VAL C 261 -14.44 20.45 -12.70
C VAL C 261 -15.61 20.93 -13.55
N ASP C 262 -16.60 21.53 -12.90
CA ASP C 262 -17.82 21.96 -13.60
C ASP C 262 -17.62 23.20 -14.44
N HIS C 263 -16.60 23.98 -14.11
CA HIS C 263 -16.26 25.21 -14.82
C HIS C 263 -15.02 24.93 -15.63
N THR C 264 -15.23 24.58 -16.89
CA THR C 264 -14.17 24.10 -17.77
C THR C 264 -12.94 25.02 -17.79
N ALA C 265 -13.16 26.34 -17.82
CA ALA C 265 -12.06 27.29 -17.93
C ALA C 265 -11.14 27.23 -16.72
N THR C 266 -11.73 27.07 -15.55
CA THR C 266 -10.99 27.02 -14.30
C THR C 266 -10.27 25.69 -14.09
N TYR C 267 -10.92 24.61 -14.49
CA TYR C 267 -10.31 23.29 -14.40
C TYR C 267 -9.07 23.27 -15.29
N MSE C 268 -9.23 23.72 -16.48
CA MSE C 268 -8.15 23.77 -17.46
C MSE C 268 -6.98 24.66 -17.02
O MSE C 268 -5.82 24.27 -17.16
CB MSE C 268 -8.67 24.21 -18.83
CG MSE C 268 -9.55 23.17 -19.52
SE MSE C 268 -10.18 23.69 -21.26
CE MSE C 268 -8.48 23.86 -22.18
N SER C 269 -7.28 25.84 -16.47
CA SER C 269 -6.18 26.71 -15.98
C SER C 269 -5.41 26.09 -14.83
N LYS C 270 -6.14 25.46 -13.92
CA LYS C 270 -5.50 24.83 -12.79
C LYS C 270 -4.62 23.64 -13.23
N MSE C 271 -5.08 22.95 -14.26
CA MSE C 271 -4.31 21.82 -14.81
C MSE C 271 -3.01 22.30 -15.47
O MSE C 271 -1.97 21.68 -15.30
CB MSE C 271 -5.15 21.00 -15.79
CG MSE C 271 -5.94 19.87 -15.14
SE MSE C 271 -4.86 18.61 -14.11
CE MSE C 271 -6.32 17.61 -13.31
N GLU C 272 -3.13 23.39 -16.21
CA GLU C 272 -1.97 23.98 -16.90
C GLU C 272 -0.88 24.34 -15.89
N GLU C 273 -1.29 24.94 -14.77
CA GLU C 273 -0.36 25.28 -13.70
C GLU C 273 0.30 24.03 -13.13
N ILE C 274 -0.49 22.97 -12.98
CA ILE C 274 0.03 21.71 -12.43
C ILE C 274 1.00 21.06 -13.44
N SER C 275 0.62 21.00 -14.70
CA SER C 275 1.51 20.48 -15.73
C SER C 275 2.79 21.31 -15.86
N ARG C 276 2.69 22.64 -15.85
CA ARG C 276 3.88 23.53 -15.83
C ARG C 276 4.85 23.19 -14.69
N ILE C 277 4.33 23.14 -13.47
CA ILE C 277 5.14 22.91 -12.30
C ILE C 277 5.89 21.60 -12.40
N ALA C 278 5.18 20.54 -12.78
CA ALA C 278 5.76 19.20 -12.89
C ALA C 278 6.80 19.14 -14.00
N TYR C 279 6.42 19.58 -15.19
CA TYR C 279 7.33 19.54 -16.33
C TYR C 279 8.56 20.42 -16.10
N GLN C 280 8.36 21.57 -15.46
CA GLN C 280 9.46 22.50 -15.19
C GLN C 280 10.36 21.98 -14.05
N ASP C 281 9.78 21.24 -13.11
CA ASP C 281 10.56 20.54 -12.08
C ASP C 281 11.45 19.46 -12.69
N ARG C 282 10.98 18.84 -13.77
CA ARG C 282 11.70 17.76 -14.39
C ARG C 282 12.94 18.24 -15.11
N LYS C 283 12.81 19.36 -15.82
CA LYS C 283 13.95 19.86 -16.58
C LYS C 283 15.04 20.39 -15.66
N LYS C 284 14.64 20.90 -14.49
CA LYS C 284 15.59 21.39 -13.48
C LYS C 284 16.43 20.24 -12.93
N ASN C 285 15.80 19.10 -12.72
CA ASN C 285 16.50 17.89 -12.31
C ASN C 285 17.40 17.37 -13.43
N LEU C 286 16.82 17.24 -14.63
CA LEU C 286 17.57 16.77 -15.81
C LEU C 286 18.90 17.52 -15.97
N GLY C 287 18.83 18.84 -15.88
CA GLY C 287 20.03 19.66 -15.85
C GLY C 287 20.69 19.55 -14.49
N ASP C 295 17.13 8.42 -6.45
CA ASP C 295 15.98 7.64 -6.03
C ASP C 295 14.66 8.35 -6.42
N PRO C 296 13.98 7.83 -7.45
CA PRO C 296 12.68 8.33 -7.92
C PRO C 296 11.62 8.48 -6.83
N ASN C 297 11.62 7.57 -5.84
CA ASN C 297 10.59 7.58 -4.79
C ASN C 297 10.59 8.88 -4.01
N LYS C 298 11.77 9.49 -3.88
CA LYS C 298 11.94 10.77 -3.21
C LYS C 298 11.30 11.91 -4.00
N MSE C 299 11.22 11.73 -5.27
CA MSE C 299 10.65 12.79 -6.13
C MSE C 299 9.11 12.82 -6.11
O MSE C 299 8.49 13.75 -6.64
CB MSE C 299 11.15 12.65 -7.57
CG MSE C 299 12.65 12.42 -7.71
SE MSE C 299 13.08 11.95 -9.57
CE MSE C 299 12.77 13.68 -10.40
N VAL C 300 8.45 11.85 -5.54
CA VAL C 300 6.97 11.78 -5.50
C VAL C 300 6.42 11.68 -4.08
N SER C 301 7.20 12.08 -3.09
CA SER C 301 6.79 11.99 -1.70
C SER C 301 5.93 13.20 -1.38
N ASP C 302 5.15 13.08 -0.30
CA ASP C 302 4.39 14.20 0.24
C ASP C 302 5.25 15.40 0.52
N LYS C 303 6.43 15.17 1.07
CA LYS C 303 7.35 16.28 1.37
C LYS C 303 7.78 16.97 0.08
N TYR C 304 8.27 16.18 -0.86
CA TYR C 304 8.67 16.72 -2.16
C TYR C 304 7.57 17.56 -2.82
N ILE C 305 6.34 17.07 -2.87
CA ILE C 305 5.24 17.83 -3.50
C ILE C 305 4.92 19.13 -2.74
N SER C 306 5.06 19.10 -1.41
CA SER C 306 4.93 20.32 -0.55
C SER C 306 5.68 21.51 -1.09
N THR C 307 6.88 21.26 -1.54
CA THR C 307 7.74 22.35 -1.87
C THR C 307 7.81 22.66 -3.35
N MSE C 308 7.04 22.04 -4.14
CA MSE C 308 7.00 22.28 -5.58
C MSE C 308 6.24 23.55 -5.89
O MSE C 308 5.09 23.72 -5.47
CB MSE C 308 6.34 21.11 -6.32
CG MSE C 308 7.11 19.80 -6.30
SE MSE C 308 6.20 18.46 -7.39
CE MSE C 308 6.40 19.28 -9.11
N LYS C 309 6.91 24.42 -6.56
CA LYS C 309 6.21 25.56 -7.11
C LYS C 309 7.04 26.21 -8.20
N THR D 1 2.95 3.00 -30.93
CA THR D 1 2.79 2.74 -29.45
C THR D 1 1.44 2.07 -29.15
N THR D 2 1.45 1.07 -28.27
CA THR D 2 0.23 0.35 -27.83
C THR D 2 0.36 0.15 -26.31
N HIS D 3 -0.78 0.23 -25.64
CA HIS D 3 -0.88 -0.05 -24.21
C HIS D 3 -1.94 -1.11 -23.87
N PHE D 4 -1.56 -2.11 -23.05
CA PHE D 4 -2.52 -3.09 -22.55
C PHE D 4 -2.39 -3.32 -21.03
N VAL D 5 -3.46 -3.85 -20.47
CA VAL D 5 -3.52 -4.11 -19.03
C VAL D 5 -4.16 -5.49 -18.88
N ILE D 6 -3.62 -6.30 -17.96
CA ILE D 6 -4.16 -7.63 -17.70
C ILE D 6 -4.20 -7.82 -16.20
N ILE D 7 -5.28 -8.46 -15.72
CA ILE D 7 -5.39 -8.88 -14.32
C ILE D 7 -5.81 -10.34 -14.29
N ASP D 8 -5.12 -11.12 -13.43
CA ASP D 8 -5.33 -12.56 -13.40
C ASP D 8 -6.01 -12.96 -12.10
N ARG D 9 -6.32 -14.24 -11.99
CA ARG D 9 -6.96 -14.80 -10.77
C ARG D 9 -6.28 -14.46 -9.47
N ASP D 10 -4.95 -14.38 -9.47
CA ASP D 10 -4.25 -14.02 -8.25
C ASP D 10 -4.20 -12.54 -7.98
N GLY D 11 -4.76 -11.71 -8.86
CA GLY D 11 -4.76 -10.27 -8.56
C GLY D 11 -3.50 -9.60 -9.11
N THR D 12 -2.71 -10.35 -9.87
CA THR D 12 -1.50 -9.77 -10.40
C THR D 12 -1.90 -8.89 -11.56
N VAL D 13 -1.39 -7.66 -11.58
CA VAL D 13 -1.69 -6.73 -12.65
C VAL D 13 -0.42 -6.47 -13.50
N VAL D 14 -0.61 -6.54 -14.81
CA VAL D 14 0.41 -6.16 -15.78
C VAL D 14 -0.10 -4.92 -16.51
N SER D 15 0.75 -3.90 -16.63
CA SER D 15 0.48 -2.74 -17.46
C SER D 15 1.71 -2.49 -18.30
N SER D 16 1.55 -2.49 -19.62
CA SER D 16 2.69 -2.57 -20.51
C SER D 16 2.45 -1.67 -21.71
N THR D 17 3.47 -0.91 -22.07
CA THR D 17 3.45 -0.16 -23.33
C THR D 17 4.60 -0.54 -24.23
N ASN D 18 4.27 -0.94 -25.47
CA ASN D 18 5.25 -1.35 -26.45
C ASN D 18 5.14 -0.39 -27.65
N THR D 19 6.23 -0.21 -28.38
CA THR D 19 6.30 0.80 -29.43
C THR D 19 7.40 0.47 -30.43
N LEU D 20 7.19 1.02 -31.64
CA LEU D 20 8.18 1.16 -32.70
C LEU D 20 8.62 2.60 -32.79
N SER D 21 7.94 3.44 -32.04
CA SER D 21 8.02 4.90 -32.11
C SER D 21 7.08 5.44 -33.20
N ASN D 22 7.58 5.81 -34.35
CA ASN D 22 6.71 6.22 -35.43
C ASN D 22 5.86 5.06 -35.88
N PHE D 23 4.80 5.34 -36.64
CA PHE D 23 3.99 4.32 -37.25
C PHE D 23 4.85 3.47 -38.18
N PHE D 24 4.79 2.17 -38.02
CA PHE D 24 5.71 1.25 -38.74
C PHE D 24 7.19 1.54 -38.49
N GLY D 25 7.50 2.24 -37.41
CA GLY D 25 8.87 2.64 -37.15
C GLY D 25 9.44 3.47 -38.30
N THR D 26 10.63 3.10 -38.78
CA THR D 26 11.27 3.75 -39.91
C THR D 26 10.62 3.36 -41.21
N GLY D 27 9.81 2.30 -41.17
CA GLY D 27 9.23 1.69 -42.37
C GLY D 27 10.17 0.68 -43.02
N LYS D 28 11.41 0.63 -42.55
CA LYS D 28 12.38 -0.37 -43.05
C LYS D 28 11.93 -1.71 -42.53
N TYR D 29 12.15 -2.76 -43.33
CA TYR D 29 11.40 -3.98 -43.14
C TYR D 29 12.26 -5.11 -43.56
N THR D 30 12.38 -6.12 -42.69
CA THR D 30 13.19 -7.31 -43.01
C THR D 30 12.66 -8.49 -42.23
N ALA D 31 12.80 -9.71 -42.80
CA ALA D 31 12.38 -10.93 -42.08
C ALA D 31 10.93 -10.84 -41.55
N GLY D 32 10.08 -10.12 -42.28
CA GLY D 32 8.68 -10.03 -42.01
C GLY D 32 8.24 -8.95 -41.02
N PHE D 33 9.17 -8.12 -40.59
CA PHE D 33 8.84 -7.13 -39.58
C PHE D 33 9.44 -5.74 -39.85
N PHE D 34 8.74 -4.73 -39.30
CA PHE D 34 9.14 -3.35 -39.41
C PHE D 34 10.13 -3.01 -38.33
N LEU D 35 11.10 -2.16 -38.68
CA LEU D 35 12.15 -1.76 -37.75
C LEU D 35 11.92 -0.38 -37.12
N ASN D 36 12.00 -0.33 -35.81
CA ASN D 36 11.86 0.88 -35.03
C ASN D 36 12.70 2.07 -35.50
N ASN D 37 12.20 3.26 -35.26
CA ASN D 37 13.05 4.42 -35.34
C ASN D 37 13.40 4.93 -33.96
N GLN D 38 14.62 5.42 -33.80
CA GLN D 38 15.07 6.07 -32.59
C GLN D 38 14.84 7.56 -32.72
N LEU D 39 14.06 8.12 -31.81
CA LEU D 39 13.83 9.56 -31.86
C LEU D 39 15.08 10.27 -31.34
N GLN D 40 15.48 11.34 -32.03
CA GLN D 40 16.58 12.20 -31.54
C GLN D 40 16.82 12.10 -30.01
N PRO D 52 28.11 5.21 -26.04
CA PRO D 52 28.22 3.79 -26.33
C PRO D 52 26.89 3.11 -26.76
N GLY D 53 25.97 2.92 -25.83
CA GLY D 53 24.74 2.20 -26.11
C GLY D 53 23.59 2.43 -25.16
N LYS D 54 23.16 3.66 -25.00
CA LYS D 54 22.02 3.94 -24.19
C LYS D 54 20.81 3.36 -24.93
N ARG D 55 19.64 3.88 -24.67
CA ARG D 55 18.39 3.31 -25.14
C ARG D 55 17.53 4.33 -25.88
N SER D 56 16.58 3.83 -26.65
CA SER D 56 15.66 4.70 -27.37
C SER D 56 14.91 5.68 -26.46
N ARG D 57 14.72 6.89 -26.98
CA ARG D 57 13.82 7.84 -26.36
C ARG D 57 12.36 7.46 -26.64
N THR D 58 11.73 6.94 -25.61
CA THR D 58 10.44 6.30 -25.70
C THR D 58 9.56 6.88 -24.56
N PHE D 59 8.27 6.98 -24.73
CA PHE D 59 7.36 7.63 -23.79
C PHE D 59 6.29 6.68 -23.29
N MSE D 60 6.18 6.58 -21.97
CA MSE D 60 5.24 5.66 -21.37
C MSE D 60 5.06 5.97 -19.88
O MSE D 60 5.97 6.51 -19.25
CB MSE D 60 5.69 4.21 -21.56
CG MSE D 60 6.93 3.78 -20.76
SE MSE D 60 7.19 1.85 -20.86
CE MSE D 60 7.85 1.77 -22.66
N ALA D 61 3.93 5.59 -19.36
CA ALA D 61 3.70 5.64 -17.93
C ALA D 61 2.74 4.56 -17.44
N PRO D 62 3.08 3.30 -17.66
CA PRO D 62 2.28 2.20 -17.15
C PRO D 62 2.23 2.34 -15.63
N THR D 63 1.02 2.26 -15.08
CA THR D 63 0.74 2.62 -13.69
C THR D 63 -0.26 1.60 -13.12
N VAL D 64 -0.08 1.30 -11.81
CA VAL D 64 -0.98 0.43 -11.06
C VAL D 64 -1.29 1.17 -9.77
N LEU D 65 -2.57 1.28 -9.45
CA LEU D 65 -3.05 1.92 -8.21
C LEU D 65 -3.74 0.84 -7.39
N LYS D 66 -3.41 0.77 -6.09
CA LYS D 66 -3.91 -0.28 -5.23
C LYS D 66 -4.31 0.32 -3.89
N LYS D 67 -5.53 -0.01 -3.48
CA LYS D 67 -6.08 0.39 -2.19
C LYS D 67 -7.03 -0.71 -1.75
N ASP D 68 -7.29 -0.80 -0.46
CA ASP D 68 -8.27 -1.75 0.05
C ASP D 68 -9.52 -1.61 -0.80
N GLY D 69 -10.00 -2.71 -1.33
CA GLY D 69 -11.21 -2.61 -2.10
C GLY D 69 -11.05 -2.35 -3.60
N GLU D 70 -9.92 -1.82 -4.08
CA GLU D 70 -9.81 -1.54 -5.54
C GLU D 70 -8.39 -1.55 -6.07
N THR D 71 -8.20 -2.23 -7.22
CA THR D 71 -6.93 -2.22 -7.95
C THR D 71 -7.19 -1.74 -9.37
N ILE D 72 -6.42 -0.74 -9.81
CA ILE D 72 -6.52 -0.21 -11.17
C ILE D 72 -5.19 -0.42 -11.91
N GLY D 73 -5.25 -0.88 -13.15
CA GLY D 73 -4.07 -0.90 -14.02
C GLY D 73 -4.45 -0.01 -15.21
N ILE D 74 -3.56 0.93 -15.55
CA ILE D 74 -3.84 1.92 -16.56
C ILE D 74 -2.61 2.37 -17.33
N GLY D 75 -2.81 2.74 -18.59
CA GLY D 75 -1.74 3.34 -19.36
C GLY D 75 -2.27 3.90 -20.64
N SER D 76 -1.38 4.61 -21.36
CA SER D 76 -1.74 5.21 -22.62
C SER D 76 -0.53 5.49 -23.50
N PRO D 77 -0.70 5.37 -24.78
CA PRO D 77 0.21 6.14 -25.63
C PRO D 77 -0.03 7.65 -25.54
N GLY D 78 0.83 8.41 -26.20
CA GLY D 78 0.68 9.88 -26.22
C GLY D 78 1.95 10.69 -26.16
N GLY D 79 3.09 10.04 -26.34
CA GLY D 79 4.36 10.78 -26.37
C GLY D 79 4.57 11.58 -25.09
N ASN D 80 5.04 12.81 -25.27
CA ASN D 80 5.28 13.77 -24.22
C ASN D 80 4.07 14.08 -23.34
N ARG D 81 2.87 13.84 -23.89
CA ARG D 81 1.63 14.29 -23.27
C ARG D 81 0.98 13.28 -22.33
N ILE D 82 1.60 12.12 -22.15
CA ILE D 82 0.98 11.08 -21.32
C ILE D 82 0.54 11.53 -19.92
N PRO D 83 1.41 12.21 -19.16
CA PRO D 83 0.94 12.67 -17.85
C PRO D 83 -0.26 13.63 -17.93
N GLN D 84 -0.32 14.46 -18.97
CA GLN D 84 -1.40 15.39 -19.14
C GLN D 84 -2.71 14.70 -19.61
N ILE D 85 -2.58 13.59 -20.31
CA ILE D 85 -3.73 12.76 -20.69
C ILE D 85 -4.31 11.99 -19.51
N LEU D 86 -3.46 11.36 -18.71
CA LEU D 86 -3.93 10.54 -17.59
C LEU D 86 -4.31 11.31 -16.32
N THR D 87 -3.70 12.47 -16.06
CA THR D 87 -3.99 13.17 -14.80
C THR D 87 -5.50 13.56 -14.62
N PRO D 88 -6.12 14.23 -15.61
CA PRO D 88 -7.53 14.57 -15.44
C PRO D 88 -8.41 13.34 -15.33
N ILE D 89 -8.02 12.27 -16.03
CA ILE D 89 -8.79 11.05 -16.02
C ILE D 89 -8.84 10.44 -14.62
N LEU D 90 -7.68 10.28 -14.00
CA LEU D 90 -7.61 9.69 -12.70
C LEU D 90 -8.19 10.62 -11.63
N ASP D 91 -7.94 11.92 -11.80
CA ASP D 91 -8.50 12.93 -10.90
C ASP D 91 -10.03 12.84 -10.89
N LYS D 92 -10.63 12.87 -12.07
CA LYS D 92 -12.08 12.75 -12.13
C LYS D 92 -12.55 11.41 -11.60
N TYR D 93 -11.80 10.35 -11.87
CA TYR D 93 -12.26 9.01 -11.51
C TYR D 93 -12.22 8.81 -9.97
N THR D 94 -11.09 9.15 -9.37
CA THR D 94 -10.90 8.94 -7.93
C THR D 94 -11.78 9.83 -7.05
N HIS D 95 -12.26 10.94 -7.60
CA HIS D 95 -13.17 11.88 -6.92
C HIS D 95 -14.64 11.60 -7.25
N GLY D 96 -14.91 10.50 -7.94
CA GLY D 96 -16.27 10.02 -8.16
C GLY D 96 -17.14 10.70 -9.22
N LYS D 97 -16.54 11.35 -10.22
CA LYS D 97 -17.32 12.00 -11.27
C LYS D 97 -18.12 11.03 -12.11
N GLY D 98 -17.68 9.79 -12.23
CA GLY D 98 -18.39 8.86 -13.07
C GLY D 98 -17.55 7.66 -13.44
N SER D 99 -18.03 6.91 -14.40
CA SER D 99 -17.36 5.68 -14.77
C SER D 99 -16.06 6.00 -15.48
N LEU D 100 -15.10 5.11 -15.32
CA LEU D 100 -13.82 5.31 -15.99
C LEU D 100 -14.02 5.34 -17.49
N GLN D 101 -14.90 4.49 -18.03
CA GLN D 101 -15.17 4.56 -19.45
C GLN D 101 -15.70 5.94 -19.90
N ASP D 102 -16.58 6.56 -19.09
CA ASP D 102 -17.19 7.82 -19.53
C ASP D 102 -16.11 8.91 -19.53
N ILE D 103 -15.30 8.86 -18.49
CA ILE D 103 -14.19 9.80 -18.31
C ILE D 103 -13.14 9.69 -19.43
N ILE D 104 -12.92 8.46 -19.89
CA ILE D 104 -11.98 8.16 -20.98
C ILE D 104 -12.58 8.67 -22.30
N ASN D 105 -13.91 8.57 -22.45
CA ASN D 105 -14.59 9.05 -23.65
C ASN D 105 -14.59 10.58 -23.84
N GLU D 106 -14.53 11.28 -22.72
CA GLU D 106 -14.56 12.74 -22.70
C GLU D 106 -13.47 13.37 -23.55
N TYR D 107 -13.83 14.46 -24.23
CA TYR D 107 -12.86 15.17 -25.08
C TYR D 107 -11.71 15.71 -24.21
N ARG D 108 -10.49 15.78 -24.76
CA ARG D 108 -9.30 16.04 -23.98
C ARG D 108 -8.66 17.38 -24.37
N PHE D 109 -7.75 17.82 -23.50
CA PHE D 109 -6.90 18.97 -23.75
C PHE D 109 -5.51 18.75 -23.17
N THR D 110 -4.51 19.45 -23.72
CA THR D 110 -3.14 19.35 -23.27
C THR D 110 -2.52 20.73 -23.51
N PHE D 111 -1.53 21.10 -22.74
CA PHE D 111 -0.86 22.38 -22.89
C PHE D 111 0.52 22.26 -23.41
N GLU D 112 0.93 23.25 -24.17
CA GLU D 112 2.33 23.46 -24.42
C GLU D 112 2.64 24.92 -24.20
N LYS D 113 3.46 25.20 -23.23
CA LYS D 113 3.62 26.54 -22.74
C LYS D 113 2.25 27.16 -22.56
N ASN D 114 1.94 28.17 -23.32
CA ASN D 114 0.77 28.95 -23.06
C ASN D 114 -0.36 28.61 -24.01
N THR D 115 -0.20 27.59 -24.84
CA THR D 115 -1.28 27.12 -25.70
C THR D 115 -1.98 25.91 -25.11
N ALA D 116 -3.29 25.94 -25.14
CA ALA D 116 -4.05 24.75 -24.87
C ALA D 116 -4.56 24.11 -26.12
N TYR D 117 -4.14 22.86 -26.36
CA TYR D 117 -4.57 22.10 -27.53
C TYR D 117 -5.79 21.27 -27.20
N THR D 118 -6.76 21.30 -28.09
CA THR D 118 -8.12 20.92 -27.74
C THR D 118 -8.62 19.90 -28.73
N GLU D 119 -9.27 18.84 -28.27
CA GLU D 119 -9.69 17.75 -29.18
C GLU D 119 -10.93 18.13 -29.99
N ILE D 120 -11.73 19.00 -29.40
CA ILE D 120 -12.82 19.65 -30.13
C ILE D 120 -12.70 21.15 -29.95
N GLN D 121 -13.56 21.88 -30.76
CA GLN D 121 -13.70 23.32 -30.59
C GLN D 121 -14.42 23.64 -29.31
N LEU D 122 -13.65 24.41 -28.41
CA LEU D 122 -14.27 24.93 -27.22
C LEU D 122 -15.23 26.07 -27.63
N SER D 123 -16.18 26.40 -26.76
CA SER D 123 -17.08 27.52 -27.03
C SER D 123 -16.31 28.84 -26.91
N SER D 124 -16.94 29.94 -27.33
CA SER D 124 -16.32 31.27 -27.19
C SER D 124 -16.16 31.69 -25.73
N GLU D 125 -17.07 31.27 -24.87
CA GLU D 125 -17.02 31.69 -23.46
C GLU D 125 -15.88 31.05 -22.67
N VAL D 126 -15.64 29.76 -22.92
CA VAL D 126 -14.47 29.07 -22.35
C VAL D 126 -13.20 29.65 -22.95
N LYS D 127 -13.20 29.90 -24.26
CA LYS D 127 -12.06 30.55 -24.92
C LYS D 127 -11.74 31.91 -24.27
N ASN D 128 -12.77 32.72 -24.05
CA ASN D 128 -12.62 34.05 -23.46
C ASN D 128 -11.97 33.98 -22.09
N GLU D 129 -12.55 33.18 -21.21
CA GLU D 129 -12.02 33.02 -19.86
C GLU D 129 -10.54 32.60 -19.87
N LEU D 130 -10.25 31.60 -20.70
CA LEU D 130 -8.88 31.12 -20.90
C LEU D 130 -7.97 32.24 -21.43
N SER D 131 -8.47 33.01 -22.40
CA SER D 131 -7.74 34.14 -22.99
C SER D 131 -7.23 35.12 -21.94
N ARG D 132 -8.07 35.47 -20.98
CA ARG D 132 -7.69 36.39 -19.90
C ARG D 132 -6.50 35.94 -19.07
N LYS D 133 -6.30 34.62 -18.99
CA LYS D 133 -5.45 34.03 -17.96
C LYS D 133 -3.95 33.68 -18.25
N GLY D 134 -3.33 34.06 -19.36
CA GLY D 134 -3.94 34.33 -20.64
C GLY D 134 -3.41 33.24 -21.56
N LEU D 135 -4.29 32.28 -21.87
CA LEU D 135 -3.95 31.08 -22.59
C LEU D 135 -4.66 31.08 -23.94
N ASN D 136 -3.94 30.79 -25.03
CA ASN D 136 -4.58 30.60 -26.32
C ASN D 136 -5.11 29.16 -26.47
N VAL D 137 -6.17 29.02 -27.25
CA VAL D 137 -6.81 27.76 -27.46
C VAL D 137 -6.72 27.45 -28.94
N LYS D 138 -6.14 26.30 -29.26
CA LYS D 138 -6.12 25.83 -30.63
C LYS D 138 -6.66 24.42 -30.57
N LYS D 139 -7.62 24.13 -31.43
CA LYS D 139 -8.07 22.78 -31.62
C LYS D 139 -6.91 22.07 -32.29
N LYS D 140 -6.68 20.81 -31.93
CA LYS D 140 -5.60 20.04 -32.52
C LYS D 140 -6.16 18.83 -33.22
N VAL D 141 -5.77 18.64 -34.47
CA VAL D 141 -5.99 17.39 -35.19
C VAL D 141 -4.61 16.90 -35.66
N SER D 142 -4.21 15.72 -35.17
CA SER D 142 -2.89 15.16 -35.42
C SER D 142 -2.89 13.73 -34.95
N PRO D 143 -2.40 12.79 -35.78
CA PRO D 143 -2.44 11.37 -35.41
C PRO D 143 -1.91 11.11 -34.01
N ALA D 144 -2.71 10.44 -33.19
CA ALA D 144 -2.26 9.96 -31.90
C ALA D 144 -2.03 11.05 -30.85
N PHE D 145 -2.45 12.29 -31.11
CA PHE D 145 -2.07 13.37 -30.21
C PHE D 145 -2.63 13.16 -28.80
N PHE D 146 -3.88 12.71 -28.71
CA PHE D 146 -4.64 12.80 -27.47
C PHE D 146 -4.76 11.44 -26.80
N GLY D 147 -4.04 10.44 -27.28
CA GLY D 147 -3.81 9.19 -26.58
C GLY D 147 -4.80 8.07 -26.83
N GLY D 148 -4.71 7.03 -26.03
CA GLY D 148 -5.49 5.83 -26.14
C GLY D 148 -5.41 5.00 -24.85
N VAL D 149 -6.21 5.44 -23.91
CA VAL D 149 -6.17 4.94 -22.55
C VAL D 149 -6.79 3.58 -22.42
N GLN D 150 -6.09 2.66 -21.79
CA GLN D 150 -6.61 1.31 -21.58
C GLN D 150 -6.50 0.98 -20.10
N ALA D 151 -7.55 0.39 -19.54
CA ALA D 151 -7.62 0.17 -18.08
C ALA D 151 -8.40 -1.06 -17.72
N LEU D 152 -8.01 -1.61 -16.57
CA LEU D 152 -8.80 -2.60 -15.83
C LEU D 152 -8.91 -2.19 -14.41
N ILE D 153 -10.05 -2.58 -13.83
CA ILE D 153 -10.40 -2.26 -12.43
C ILE D 153 -10.90 -3.53 -11.79
N LYS D 154 -10.28 -3.93 -10.69
CA LYS D 154 -10.80 -5.06 -9.93
C LYS D 154 -11.44 -4.56 -8.65
N ASP D 155 -12.69 -4.95 -8.42
CA ASP D 155 -13.37 -4.68 -7.15
C ASP D 155 -12.84 -5.75 -6.20
N GLU D 156 -11.98 -5.32 -5.30
CA GLU D 156 -11.27 -6.24 -4.44
C GLU D 156 -12.16 -6.86 -3.36
N ARG D 157 -13.21 -6.17 -2.96
CA ARG D 157 -14.12 -6.75 -1.98
C ARG D 157 -14.96 -7.81 -2.60
N ASP D 158 -15.71 -7.42 -3.60
CA ASP D 158 -16.71 -8.23 -4.26
C ASP D 158 -16.15 -9.02 -5.41
N ASN D 159 -14.86 -8.89 -5.66
CA ASN D 159 -14.16 -9.75 -6.59
C ASN D 159 -14.76 -9.78 -7.99
N VAL D 160 -14.72 -8.62 -8.60
CA VAL D 160 -15.31 -8.31 -9.91
C VAL D 160 -14.32 -7.45 -10.67
N ILE D 161 -14.10 -7.76 -11.94
CA ILE D 161 -13.21 -6.96 -12.80
C ILE D 161 -14.02 -6.27 -13.88
N THR D 162 -13.80 -4.97 -14.01
CA THR D 162 -14.36 -4.21 -15.12
C THR D 162 -13.19 -3.48 -15.78
N GLY D 163 -13.47 -2.69 -16.80
CA GLY D 163 -12.38 -2.08 -17.54
C GLY D 163 -12.87 -0.97 -18.41
N ALA D 164 -11.90 -0.38 -19.11
CA ALA D 164 -12.21 0.64 -20.12
C ALA D 164 -11.23 0.55 -21.31
N GLY D 165 -11.72 0.94 -22.48
CA GLY D 165 -10.93 0.96 -23.69
C GLY D 165 -11.21 2.25 -24.47
N ASP D 166 -10.17 2.83 -25.05
CA ASP D 166 -10.29 4.11 -25.75
C ASP D 166 -10.79 3.91 -27.17
N GLY D 167 -11.98 4.43 -27.50
CA GLY D 167 -12.50 4.37 -28.90
C GLY D 167 -11.61 5.04 -29.95
N ARG D 168 -10.71 5.92 -29.49
CA ARG D 168 -9.71 6.60 -30.32
C ARG D 168 -8.80 5.57 -31.01
N ARG D 169 -8.64 4.41 -30.35
CA ARG D 169 -7.77 3.33 -30.81
C ARG D 169 -8.53 1.99 -31.04
N ASN D 170 -9.85 2.05 -31.20
CA ASN D 170 -10.74 0.89 -31.15
C ASN D 170 -10.48 0.05 -29.91
N GLY D 171 -10.17 0.66 -28.77
CA GLY D 171 -9.85 -0.07 -27.57
C GLY D 171 -11.03 -0.77 -26.94
N THR D 172 -10.80 -1.99 -26.46
CA THR D 172 -11.85 -2.77 -25.81
C THR D 172 -11.27 -3.48 -24.57
N TRP D 173 -12.15 -4.14 -23.84
CA TRP D 173 -11.77 -4.95 -22.71
C TRP D 173 -12.80 -6.06 -22.51
N LYS D 174 -12.35 -7.12 -21.86
CA LYS D 174 -13.23 -8.21 -21.41
C LYS D 174 -12.81 -8.70 -20.04
N SER D 175 -13.77 -9.29 -19.33
CA SER D 175 -13.51 -10.06 -18.11
C SER D 175 -14.37 -11.33 -18.10
N ASN D 176 -14.10 -12.20 -17.12
CA ASN D 176 -14.84 -13.44 -16.98
C ASN D 176 -16.13 -13.26 -16.19
N LYS D 177 -15.99 -12.44 -15.17
CA LYS D 177 -17.07 -11.94 -14.41
C LYS D 177 -18.26 -12.75 -14.83
N GLU E . 1.36 -13.90 30.60
CA GLU E . 1.89 -12.86 29.66
C GLU E . 0.97 -11.63 29.53
O GLU E . -0.19 -11.63 29.97
CB GLU E . 2.18 -13.44 28.28
CG GLU E . 0.95 -13.65 27.40
CD GLU E . 1.36 -13.86 25.95
OE1 GLU E . 2.00 -12.93 25.39
OE2 GLU E . 1.06 -14.94 25.39
N GLU F . 1.51 -10.61 28.86
CA GLU F . 0.93 -9.26 28.89
C GLU F . 1.27 -8.46 27.62
O GLU F . 2.46 -8.34 27.30
CB GLU F . 1.45 -8.56 30.14
CG GLU F . 1.38 -7.05 30.12
CD GLU F . -0.04 -6.51 30.20
OE1 GLU F . -0.99 -7.25 29.88
OE2 GLU F . -0.14 -5.32 30.55
OXT GLU F . 0.43 -7.88 26.90
#